data_4I6J
#
_entry.id   4I6J
#
_cell.length_a   125.389
_cell.length_b   125.389
_cell.length_c   145.712
_cell.angle_alpha   90.00
_cell.angle_beta   90.00
_cell.angle_gamma   120.00
#
_symmetry.space_group_name_H-M   'P 31 2 1'
#
loop_
_entity.id
_entity.type
_entity.pdbx_description
1 polymer Cryptochrome-2
2 polymer 'F-box/LRR-repeat protein 3'
3 polymer 'S-phase kinase-associated protein 1'
4 water water
#
loop_
_entity_poly.entity_id
_entity_poly.type
_entity_poly.pdbx_seq_one_letter_code
_entity_poly.pdbx_strand_id
1 'polypeptide(L)'
;MAAAAVVAATVPAQSMGADGASSVHWFRKGLRLHDNPALLAAVRGARCVRCVYILDPWFAASSSVGINRWRFLLQSLEDL
DTSLRKLNSRLFVVRGQPADVFPRLFKEWGVTRLTFEYDSEPFGKERDAAIMKMAKEAGVEVVTENSHTLYDLDRIIELN
GQKPPLTYKRFQALISRMELPKKPAVAVSSQQMESCRAEIQENHDDTYGVPSLEELGFPTEGLGPAVWQGGETEALARLD
KHLERKAWVANYERPRMNANSLLASPTGLSPYLRFGCLSCRLFYYRLWDLYKKVKRNSTPPLSLFGQLLWREFFYTAATN
NPRFDRMEGNPICIQIPWDRNPEALAKWAEGKTGFPWIDAIMTQLRQEGWIHHLARHAVACFLTRGDLWVSWESGVRVFD
ELLLDADFSVNAGSWMWLSCSAFFQQFFHCYCPVGFGRRTDPSGDYIRRYLPKLKGFPSRYIYEPWNAPESVQKAAKCII
GVDYPRPIVNHAETSRLNIERMKQIYQQLSRYRGLCLLASVPSCVEDLSHPVAEPGSSQAGSIS
;
A
2 'polypeptide(L)'
;MKRGGRDSDRNSSEEGTAEKSKKLRTTNEHSQTCDWGNLLQDIILQVFKYLPLLDRAHASQVCRNWNQVFHMPDLWRCFE
FELNQPATSYLKATHPELIKQIIKRHSNHLQYVSFKVDSSKESAEAACDILSQLVNCSLKTLGLISTARPSFMDLPKSHF
ISALTVVFVNSKSLSSLKIDDTPVDDPSLKVLVANNSDTLKLLKMSSCPHVSPAGILCVADQCHGLRELALNYHLLSDEL
LLALSSEKHVRLEHLRIDVVSENPGQTHFHTIQKSSWDAFIRHSPKVNLVMYFFLYEEEFDPFFRYEIPATHLYFGRSVS
KDVLGRVGMTCPRLVELVVCANGLRPLDEELIRIAERCKNLSAIGLGECEVSCSAFVEFVKMCGGRLSQLSIMEEVLIPD
QKYSLEQIHWEVSKHLGRVWFPDMMPTW
;
B
3 'polypeptide(L)'
;MPSIKLQSSDGEIFEVDVEIAKQSVTIKTMLEDLGMDDEGDDDPVPLPNVNAAILKKVIQWCTHHKDDPPPPEDDENKEK
RTDDIPVWDQEFLKVDQGTLFELILAANYLDIKGLLDVTCKTVANMIKGKTPEEIRKTFNIKNDFTEEEEAQVRKENQWC
EEK
;
C
#
# COMPACT_ATOMS: atom_id res chain seq x y z
N ALA A 21 23.85 -39.54 -24.05
CA ALA A 21 22.97 -38.39 -23.85
C ALA A 21 23.71 -37.07 -24.05
N SER A 22 23.41 -36.37 -25.14
CA SER A 22 24.01 -35.08 -25.44
C SER A 22 23.23 -34.02 -24.66
N SER A 23 23.59 -33.86 -23.39
CA SER A 23 22.87 -32.95 -22.49
C SER A 23 23.44 -31.52 -22.39
N VAL A 24 22.58 -30.56 -22.67
CA VAL A 24 22.90 -29.16 -22.54
C VAL A 24 22.42 -28.64 -21.18
N HIS A 25 23.29 -27.97 -20.43
CA HIS A 25 22.85 -27.29 -19.22
C HIS A 25 22.69 -25.79 -19.42
N TRP A 26 21.60 -25.24 -18.90
CA TRP A 26 21.25 -23.85 -19.17
C TRP A 26 21.29 -22.95 -17.92
N PHE A 27 22.31 -22.10 -17.86
CA PHE A 27 22.40 -21.06 -16.83
C PHE A 27 21.50 -19.92 -17.19
N ARG A 28 20.71 -19.46 -16.22
CA ARG A 28 19.99 -18.19 -16.33
C ARG A 28 20.33 -17.41 -15.07
N LYS A 29 19.79 -17.90 -13.95
CA LYS A 29 20.31 -17.58 -12.64
C LYS A 29 21.12 -18.82 -12.27
N GLY A 30 21.21 -19.16 -10.99
CA GLY A 30 22.06 -20.26 -10.61
C GLY A 30 23.40 -20.27 -11.34
N LEU A 31 24.12 -19.15 -11.29
CA LEU A 31 25.42 -19.04 -11.94
C LEU A 31 26.55 -19.56 -11.06
N ARG A 32 26.63 -20.87 -10.88
CA ARG A 32 27.59 -21.48 -9.96
C ARG A 32 27.70 -22.98 -10.24
N LEU A 33 28.71 -23.62 -9.65
CA LEU A 33 28.86 -25.07 -9.83
C LEU A 33 28.52 -25.83 -8.55
N HIS A 34 28.66 -25.17 -7.41
CA HIS A 34 28.22 -25.76 -6.16
C HIS A 34 26.69 -25.74 -6.05
N ASP A 35 26.13 -26.70 -5.35
CA ASP A 35 24.67 -26.85 -5.22
C ASP A 35 23.92 -26.52 -6.53
N ASN A 36 24.22 -27.30 -7.56
CA ASN A 36 23.58 -27.13 -8.86
C ASN A 36 23.11 -28.48 -9.38
N PRO A 37 22.06 -29.01 -8.77
CA PRO A 37 21.53 -30.35 -9.04
C PRO A 37 21.01 -30.46 -10.48
N ALA A 38 20.54 -29.36 -11.05
CA ALA A 38 20.15 -29.40 -12.45
C ALA A 38 21.36 -29.80 -13.30
N LEU A 39 22.53 -29.30 -12.93
CA LEU A 39 23.76 -29.65 -13.62
C LEU A 39 24.18 -31.09 -13.32
N LEU A 40 24.10 -31.50 -12.05
CA LEU A 40 24.27 -32.92 -11.73
C LEU A 40 23.40 -33.79 -12.63
N ALA A 41 22.24 -33.27 -13.03
CA ALA A 41 21.28 -34.01 -13.84
C ALA A 41 21.66 -34.00 -15.32
N ALA A 42 22.13 -32.86 -15.82
CA ALA A 42 22.62 -32.80 -17.19
C ALA A 42 23.72 -33.84 -17.39
N VAL A 43 24.48 -34.07 -16.32
CA VAL A 43 25.69 -34.87 -16.36
C VAL A 43 25.43 -36.38 -16.16
N ARG A 44 24.76 -36.75 -15.07
CA ARG A 44 24.39 -38.16 -14.85
C ARG A 44 23.67 -38.68 -16.08
N GLY A 45 24.41 -39.38 -16.93
CA GLY A 45 23.85 -39.92 -18.16
C GLY A 45 24.92 -40.19 -19.20
N ALA A 46 26.06 -39.52 -19.05
CA ALA A 46 27.18 -39.70 -19.98
C ALA A 46 26.93 -38.97 -21.30
N ARG A 47 27.76 -39.27 -22.30
CA ARG A 47 27.64 -38.65 -23.60
C ARG A 47 28.19 -37.25 -23.34
N CYS A 48 27.73 -36.28 -24.13
CA CYS A 48 28.34 -34.96 -24.23
C CYS A 48 27.60 -34.01 -23.30
N VAL A 49 28.33 -33.07 -22.70
CA VAL A 49 27.70 -32.00 -21.93
C VAL A 49 28.24 -30.61 -22.26
N ARG A 50 27.33 -29.74 -22.68
CA ARG A 50 27.66 -28.35 -22.94
C ARG A 50 26.89 -27.41 -21.98
N CYS A 51 27.60 -26.47 -21.36
CA CYS A 51 26.95 -25.45 -20.53
C CYS A 51 26.78 -24.15 -21.31
N VAL A 52 25.55 -23.70 -21.47
CA VAL A 52 25.30 -22.48 -22.22
C VAL A 52 24.58 -21.37 -21.45
N TYR A 53 24.72 -20.14 -21.94
CA TYR A 53 23.98 -19.01 -21.40
C TYR A 53 23.48 -18.21 -22.59
N ILE A 54 22.18 -18.11 -22.76
CA ILE A 54 21.71 -17.34 -23.90
C ILE A 54 21.67 -15.90 -23.44
N LEU A 55 22.09 -15.01 -24.34
CA LEU A 55 22.22 -13.61 -24.03
C LEU A 55 21.74 -12.78 -25.23
N ASP A 56 20.89 -11.78 -24.99
CA ASP A 56 20.38 -10.99 -26.09
C ASP A 56 21.10 -9.65 -26.22
N PRO A 57 22.20 -9.61 -27.01
CA PRO A 57 23.11 -8.45 -27.10
C PRO A 57 22.50 -7.15 -27.63
N TRP A 58 21.35 -7.24 -28.29
CA TRP A 58 20.70 -6.05 -28.85
C TRP A 58 19.46 -5.68 -28.02
N PHE A 59 19.10 -6.57 -27.11
CA PHE A 59 18.18 -6.26 -26.03
C PHE A 59 19.04 -5.67 -24.92
N ALA A 60 20.36 -5.77 -25.12
CA ALA A 60 21.36 -5.36 -24.11
C ALA A 60 21.82 -3.92 -24.29
N ALA A 61 21.57 -3.35 -25.46
CA ALA A 61 21.76 -1.93 -25.65
C ALA A 61 20.58 -1.18 -25.00
N SER A 62 19.48 -1.91 -24.84
CA SER A 62 18.30 -1.40 -24.13
C SER A 62 18.62 -1.07 -22.67
N SER A 63 18.06 0.03 -22.19
CA SER A 63 18.44 0.63 -20.90
C SER A 63 17.94 -0.11 -19.65
N SER A 64 17.15 -1.16 -19.85
CA SER A 64 16.60 -1.94 -18.74
C SER A 64 17.68 -2.46 -17.78
N VAL A 65 18.92 -2.14 -18.07
CA VAL A 65 20.05 -2.55 -17.23
C VAL A 65 21.28 -1.66 -17.44
N GLY A 66 21.78 -1.09 -16.34
CA GLY A 66 22.97 -0.25 -16.38
C GLY A 66 24.21 -1.10 -16.48
N ILE A 67 25.36 -0.43 -16.59
CA ILE A 67 26.65 -1.08 -16.67
C ILE A 67 26.81 -2.02 -15.48
N ASN A 68 26.52 -1.55 -14.28
CA ASN A 68 26.87 -2.33 -13.12
C ASN A 68 26.32 -3.75 -13.13
N ARG A 69 25.05 -3.88 -13.53
CA ARG A 69 24.44 -5.20 -13.63
C ARG A 69 25.09 -6.00 -14.74
N TRP A 70 25.19 -5.39 -15.91
CA TRP A 70 25.81 -6.09 -17.01
C TRP A 70 27.22 -6.52 -16.64
N ARG A 71 27.99 -5.61 -16.07
CA ARG A 71 29.34 -5.93 -15.67
C ARG A 71 29.33 -7.07 -14.64
N PHE A 72 28.40 -7.02 -13.69
CA PHE A 72 28.37 -8.08 -12.69
C PHE A 72 28.14 -9.41 -13.38
N LEU A 73 27.22 -9.41 -14.34
CA LEU A 73 26.86 -10.64 -15.06
C LEU A 73 28.03 -11.25 -15.85
N LEU A 74 28.69 -10.43 -16.65
CA LEU A 74 29.82 -10.92 -17.47
C LEU A 74 30.92 -11.51 -16.59
N GLN A 75 31.09 -10.96 -15.39
CA GLN A 75 32.16 -11.41 -14.53
C GLN A 75 31.76 -12.75 -13.94
N SER A 76 30.47 -12.92 -13.67
CA SER A 76 29.97 -14.19 -13.19
C SER A 76 30.21 -15.23 -14.28
N LEU A 77 29.86 -14.86 -15.51
CA LEU A 77 30.09 -15.73 -16.65
C LEU A 77 31.56 -16.06 -16.85
N GLU A 78 32.42 -15.05 -16.74
CA GLU A 78 33.84 -15.25 -16.93
C GLU A 78 34.35 -16.20 -15.89
N ASP A 79 33.88 -16.04 -14.65
CA ASP A 79 34.31 -16.92 -13.57
C ASP A 79 33.82 -18.32 -13.84
N LEU A 80 32.61 -18.40 -14.39
CA LEU A 80 32.03 -19.69 -14.68
C LEU A 80 32.89 -20.35 -15.76
N ASP A 81 33.20 -19.56 -16.79
CA ASP A 81 34.06 -19.98 -17.89
C ASP A 81 35.38 -20.53 -17.38
N THR A 82 35.99 -19.79 -16.47
CA THR A 82 37.23 -20.16 -15.82
C THR A 82 37.09 -21.44 -14.99
N SER A 83 35.98 -21.53 -14.25
CA SER A 83 35.71 -22.70 -13.44
C SER A 83 35.57 -23.94 -14.31
N LEU A 84 35.08 -23.74 -15.52
CA LEU A 84 34.80 -24.84 -16.44
C LEU A 84 36.06 -25.30 -17.15
N ARG A 85 37.01 -24.39 -17.31
CA ARG A 85 38.29 -24.76 -17.88
C ARG A 85 38.99 -25.72 -16.95
N LYS A 86 38.93 -25.43 -15.66
CA LYS A 86 39.49 -26.29 -14.64
C LYS A 86 38.84 -27.68 -14.74
N LEU A 87 37.72 -27.76 -15.47
CA LEU A 87 37.09 -29.06 -15.72
C LEU A 87 37.13 -29.44 -17.21
N ASN A 88 38.13 -28.90 -17.90
CA ASN A 88 38.41 -29.24 -19.30
C ASN A 88 37.20 -29.11 -20.22
N SER A 89 36.19 -28.37 -19.77
CA SER A 89 35.10 -28.00 -20.64
C SER A 89 35.16 -26.49 -20.85
N ARG A 90 34.09 -25.91 -21.37
CA ARG A 90 33.99 -24.47 -21.43
C ARG A 90 32.58 -23.90 -21.34
N LEU A 91 32.49 -22.59 -21.26
CA LEU A 91 31.20 -21.94 -21.20
C LEU A 91 30.77 -21.51 -22.60
N PHE A 92 29.58 -21.95 -23.00
CA PHE A 92 29.03 -21.58 -24.30
C PHE A 92 28.09 -20.39 -24.21
N VAL A 93 28.49 -19.24 -24.76
CA VAL A 93 27.59 -18.10 -24.75
C VAL A 93 27.01 -17.87 -26.12
N VAL A 94 25.79 -18.33 -26.31
CA VAL A 94 25.05 -18.15 -27.55
C VAL A 94 24.30 -16.82 -27.46
N ARG A 95 23.86 -16.29 -28.58
CA ARG A 95 23.33 -14.94 -28.59
C ARG A 95 21.96 -14.88 -29.28
N GLY A 96 21.01 -14.17 -28.65
CA GLY A 96 19.67 -14.03 -29.19
C GLY A 96 18.59 -14.50 -28.24
N GLN A 97 17.53 -15.06 -28.81
CA GLN A 97 16.41 -15.55 -28.01
C GLN A 97 16.53 -17.06 -27.72
N PRO A 98 16.12 -17.49 -26.52
CA PRO A 98 15.96 -18.90 -26.16
C PRO A 98 15.17 -19.69 -27.22
N ALA A 99 13.90 -19.32 -27.39
CA ALA A 99 13.12 -19.77 -28.53
C ALA A 99 13.84 -19.33 -29.79
N ASP A 100 13.82 -20.16 -30.82
CA ASP A 100 14.63 -19.88 -32.02
C ASP A 100 16.12 -19.58 -31.73
N VAL A 101 16.68 -20.27 -30.75
CA VAL A 101 18.12 -20.44 -30.64
C VAL A 101 18.35 -21.86 -30.18
N PHE A 102 17.49 -22.30 -29.27
CA PHE A 102 17.51 -23.68 -28.80
C PHE A 102 17.20 -24.67 -29.92
N PRO A 103 16.24 -24.34 -30.80
CA PRO A 103 16.00 -25.14 -32.00
C PRO A 103 17.28 -25.36 -32.81
N ARG A 104 17.81 -24.30 -33.41
CA ARG A 104 19.07 -24.34 -34.16
C ARG A 104 20.20 -25.08 -33.42
N LEU A 105 20.31 -24.87 -32.12
CA LEU A 105 21.31 -25.56 -31.30
C LEU A 105 21.01 -27.05 -31.13
N PHE A 106 19.73 -27.38 -31.10
CA PHE A 106 19.29 -28.75 -30.97
C PHE A 106 19.81 -29.63 -32.10
N LYS A 107 19.39 -29.31 -33.33
CA LYS A 107 19.90 -29.97 -34.52
C LYS A 107 21.43 -30.04 -34.49
N GLU A 108 22.07 -28.87 -34.46
CA GLU A 108 23.51 -28.76 -34.53
C GLU A 108 24.30 -29.58 -33.47
N TRP A 109 23.71 -29.83 -32.31
CA TRP A 109 24.41 -30.59 -31.29
C TRP A 109 23.80 -31.95 -31.12
N GLY A 110 22.76 -32.19 -31.91
CA GLY A 110 21.96 -33.40 -31.75
C GLY A 110 21.70 -33.53 -30.26
N VAL A 111 20.98 -32.55 -29.73
CA VAL A 111 20.82 -32.46 -28.30
C VAL A 111 19.82 -33.52 -27.81
N THR A 112 20.03 -34.02 -26.60
CA THR A 112 19.19 -35.07 -26.01
C THR A 112 18.41 -34.62 -24.76
N ARG A 113 19.11 -33.92 -23.87
CA ARG A 113 18.60 -33.55 -22.55
C ARG A 113 18.99 -32.11 -22.15
N LEU A 114 17.99 -31.26 -21.93
CA LEU A 114 18.20 -29.88 -21.49
C LEU A 114 17.86 -29.76 -20.02
N THR A 115 18.76 -29.19 -19.23
CA THR A 115 18.46 -28.97 -17.82
C THR A 115 18.69 -27.53 -17.37
N PHE A 116 17.88 -27.11 -16.40
CA PHE A 116 18.10 -25.82 -15.77
C PHE A 116 17.44 -25.74 -14.41
N GLU A 117 17.91 -24.77 -13.61
CA GLU A 117 17.34 -24.49 -12.32
C GLU A 117 16.00 -23.78 -12.55
N TYR A 118 15.00 -24.21 -11.79
CA TYR A 118 13.64 -23.75 -11.94
C TYR A 118 13.50 -22.25 -11.66
N ASP A 119 12.60 -21.60 -12.39
CA ASP A 119 12.32 -20.18 -12.19
C ASP A 119 10.87 -19.96 -11.73
N SER A 120 10.70 -19.45 -10.52
CA SER A 120 9.37 -19.29 -9.97
C SER A 120 8.66 -18.05 -10.50
N GLU A 121 9.41 -17.15 -11.10
CA GLU A 121 8.84 -15.86 -11.42
C GLU A 121 7.83 -16.00 -12.57
N PRO A 122 6.71 -15.27 -12.51
CA PRO A 122 5.70 -15.40 -13.59
C PRO A 122 6.28 -15.42 -15.03
N PHE A 123 6.84 -14.32 -15.53
CA PHE A 123 7.41 -14.33 -16.88
C PHE A 123 8.34 -15.50 -17.12
N GLY A 124 9.29 -15.71 -16.22
CA GLY A 124 10.18 -16.83 -16.38
C GLY A 124 9.43 -18.13 -16.58
N LYS A 125 8.44 -18.38 -15.73
CA LYS A 125 7.68 -19.64 -15.79
C LYS A 125 7.09 -19.84 -17.16
N GLU A 126 6.40 -18.82 -17.65
CA GLU A 126 5.75 -18.83 -18.96
C GLU A 126 6.76 -19.13 -20.06
N ARG A 127 7.80 -18.30 -20.13
CA ARG A 127 8.96 -18.52 -20.99
C ARG A 127 9.38 -19.98 -20.97
N ASP A 128 9.51 -20.54 -19.78
CA ASP A 128 9.97 -21.90 -19.64
C ASP A 128 8.95 -22.93 -20.06
N ALA A 129 7.67 -22.57 -19.98
CA ALA A 129 6.66 -23.51 -20.43
C ALA A 129 6.88 -23.71 -21.93
N ALA A 130 6.87 -22.61 -22.67
CA ALA A 130 7.05 -22.62 -24.11
C ALA A 130 8.31 -23.39 -24.48
N ILE A 131 9.41 -23.07 -23.83
CA ILE A 131 10.66 -23.76 -24.10
C ILE A 131 10.55 -25.26 -23.95
N MET A 132 9.77 -25.74 -22.97
CA MET A 132 9.71 -27.19 -22.79
C MET A 132 8.74 -27.90 -23.74
N LYS A 133 7.72 -27.17 -24.19
CA LYS A 133 6.84 -27.63 -25.25
C LYS A 133 7.65 -27.79 -26.52
N MET A 134 8.33 -26.72 -26.89
CA MET A 134 9.22 -26.70 -28.03
C MET A 134 10.40 -27.66 -27.90
N ALA A 135 10.48 -28.40 -26.79
CA ALA A 135 11.58 -29.37 -26.62
C ALA A 135 11.05 -30.79 -26.71
N LYS A 136 9.89 -30.99 -26.10
CA LYS A 136 9.13 -32.22 -26.25
C LYS A 136 8.99 -32.54 -27.75
N GLU A 137 8.16 -31.76 -28.46
CA GLU A 137 8.04 -31.91 -29.91
C GLU A 137 9.32 -31.49 -30.60
N ALA A 138 10.37 -32.23 -30.30
CA ALA A 138 11.66 -32.07 -30.95
C ALA A 138 12.59 -33.11 -30.35
N GLY A 139 12.05 -33.91 -29.44
CA GLY A 139 12.78 -35.06 -28.92
C GLY A 139 13.65 -34.87 -27.68
N VAL A 140 13.87 -33.62 -27.26
CA VAL A 140 14.72 -33.35 -26.10
C VAL A 140 13.96 -33.49 -24.77
N GLU A 141 14.48 -34.29 -23.85
CA GLU A 141 13.90 -34.39 -22.51
C GLU A 141 14.34 -33.23 -21.63
N VAL A 142 13.50 -32.83 -20.67
CA VAL A 142 13.82 -31.72 -19.79
C VAL A 142 13.83 -32.10 -18.32
N VAL A 143 14.85 -31.64 -17.58
CA VAL A 143 14.83 -31.81 -16.12
C VAL A 143 15.14 -30.49 -15.41
N THR A 144 14.29 -30.09 -14.47
CA THR A 144 14.48 -28.86 -13.69
C THR A 144 14.61 -29.21 -12.23
N GLU A 145 15.36 -28.39 -11.48
CA GLU A 145 15.42 -28.47 -10.03
C GLU A 145 15.09 -27.09 -9.50
N ASN A 146 14.78 -27.01 -8.21
CA ASN A 146 14.57 -25.70 -7.63
C ASN A 146 15.59 -25.49 -6.53
N SER A 147 16.57 -24.64 -6.82
CA SER A 147 17.69 -24.43 -5.91
C SER A 147 17.97 -22.93 -5.80
N HIS A 148 17.18 -22.13 -6.51
CA HIS A 148 17.21 -20.70 -6.32
C HIS A 148 16.58 -20.25 -5.01
N THR A 149 15.57 -20.98 -4.55
CA THR A 149 14.90 -20.67 -3.30
C THR A 149 15.12 -21.79 -2.31
N LEU A 150 14.88 -21.47 -1.05
CA LEU A 150 15.14 -22.38 0.04
C LEU A 150 14.21 -23.60 -0.04
N TYR A 151 12.92 -23.35 -0.29
CA TYR A 151 11.90 -24.40 -0.32
C TYR A 151 11.29 -24.49 -1.69
N ASP A 152 10.36 -25.42 -1.85
CA ASP A 152 9.47 -25.41 -3.01
C ASP A 152 8.37 -24.39 -2.73
N LEU A 153 8.40 -23.28 -3.44
CA LEU A 153 7.43 -22.22 -3.22
C LEU A 153 6.02 -22.77 -3.34
N ASP A 154 5.88 -23.77 -4.19
CA ASP A 154 4.58 -24.35 -4.42
C ASP A 154 4.07 -25.09 -3.18
N ARG A 155 4.95 -25.82 -2.52
CA ARG A 155 4.55 -26.49 -1.31
C ARG A 155 4.06 -25.49 -0.27
N ILE A 156 4.86 -24.45 -0.01
CA ILE A 156 4.48 -23.46 0.99
C ILE A 156 3.06 -23.00 0.77
N ILE A 157 2.72 -22.72 -0.50
CA ILE A 157 1.38 -22.26 -0.84
C ILE A 157 0.30 -23.35 -0.62
N GLU A 158 0.65 -24.58 -0.98
CA GLU A 158 -0.24 -25.70 -0.74
C GLU A 158 -0.60 -25.77 0.73
N LEU A 159 0.41 -25.79 1.59
CA LEU A 159 0.20 -25.84 3.02
C LEU A 159 -0.60 -24.66 3.57
N ASN A 160 -0.57 -23.50 2.91
CA ASN A 160 -1.32 -22.33 3.35
C ASN A 160 -2.67 -22.25 2.67
N GLY A 161 -3.19 -23.41 2.28
CA GLY A 161 -4.51 -23.47 1.68
C GLY A 161 -4.54 -22.90 0.28
N GLN A 162 -3.46 -23.14 -0.46
CA GLN A 162 -3.33 -22.70 -1.86
C GLN A 162 -3.41 -21.19 -2.10
N LYS A 163 -2.90 -20.42 -1.14
CA LYS A 163 -2.79 -18.97 -1.24
C LYS A 163 -1.44 -18.63 -0.64
N PRO A 164 -0.76 -17.59 -1.16
CA PRO A 164 0.50 -17.30 -0.50
C PRO A 164 0.25 -16.49 0.77
N PRO A 165 1.05 -16.73 1.82
CA PRO A 165 0.98 -15.86 2.99
C PRO A 165 1.24 -14.40 2.60
N LEU A 166 0.40 -13.47 3.03
CA LEU A 166 0.53 -12.08 2.66
C LEU A 166 0.96 -11.20 3.80
N THR A 167 1.46 -11.79 4.88
CA THR A 167 2.23 -11.02 5.85
C THR A 167 3.44 -11.82 6.28
N TYR A 168 4.54 -11.14 6.55
CA TYR A 168 5.75 -11.84 6.91
C TYR A 168 5.54 -12.63 8.22
N LYS A 169 4.79 -12.08 9.16
CA LYS A 169 4.68 -12.81 10.42
C LYS A 169 3.94 -14.13 10.21
N ARG A 170 2.95 -14.10 9.33
CA ARG A 170 2.25 -15.34 8.99
C ARG A 170 3.18 -16.24 8.22
N PHE A 171 3.95 -15.64 7.32
CA PHE A 171 4.96 -16.41 6.59
C PHE A 171 5.84 -17.18 7.57
N GLN A 172 6.28 -16.51 8.63
CA GLN A 172 7.13 -17.15 9.65
C GLN A 172 6.40 -18.22 10.47
N ALA A 173 5.15 -17.96 10.80
CA ALA A 173 4.39 -18.89 11.62
C ALA A 173 4.45 -20.21 10.90
N LEU A 174 4.21 -20.16 9.59
CA LEU A 174 4.13 -21.36 8.77
C LEU A 174 5.47 -22.10 8.62
N ILE A 175 6.50 -21.37 8.17
CA ILE A 175 7.83 -21.97 8.02
C ILE A 175 8.30 -22.66 9.30
N SER A 176 7.90 -22.12 10.43
CA SER A 176 8.32 -22.67 11.70
C SER A 176 7.67 -24.04 11.97
N ARG A 177 6.52 -24.30 11.35
CA ARG A 177 5.88 -25.60 11.49
C ARG A 177 6.34 -26.54 10.39
N MET A 178 7.15 -26.06 9.44
CA MET A 178 7.54 -26.88 8.27
C MET A 178 8.87 -27.62 8.43
N GLU A 179 9.24 -28.39 7.43
CA GLU A 179 10.50 -29.11 7.50
C GLU A 179 11.58 -28.13 7.07
N LEU A 180 12.81 -28.39 7.52
CA LEU A 180 13.97 -27.61 7.13
C LEU A 180 14.20 -27.67 5.61
N PRO A 181 14.89 -26.66 5.04
CA PRO A 181 15.21 -26.63 3.61
C PRO A 181 16.18 -27.74 3.28
N LYS A 182 16.11 -28.30 2.07
CA LYS A 182 17.09 -29.30 1.67
C LYS A 182 18.49 -28.72 1.90
N LYS A 183 19.46 -29.59 2.18
CA LYS A 183 20.87 -29.22 2.32
C LYS A 183 21.46 -29.03 0.93
N PRO A 184 22.54 -28.25 0.82
CA PRO A 184 23.14 -27.97 -0.49
C PRO A 184 23.66 -29.24 -1.17
N ALA A 185 23.35 -29.41 -2.45
CA ALA A 185 23.97 -30.47 -3.23
C ALA A 185 25.48 -30.28 -3.37
N VAL A 186 26.22 -31.40 -3.34
CA VAL A 186 27.64 -31.40 -3.63
C VAL A 186 27.87 -31.03 -5.09
N ALA A 187 29.04 -30.52 -5.41
CA ALA A 187 29.32 -30.16 -6.80
C ALA A 187 29.71 -31.39 -7.62
N VAL A 188 29.61 -31.27 -8.94
CA VAL A 188 30.08 -32.31 -9.85
C VAL A 188 31.59 -32.38 -9.72
N SER A 189 32.15 -33.57 -9.83
CA SER A 189 33.59 -33.69 -9.84
C SER A 189 34.08 -33.67 -11.28
N SER A 190 35.37 -33.42 -11.45
CA SER A 190 36.02 -33.61 -12.73
C SER A 190 35.64 -35.00 -13.22
N GLN A 191 35.89 -36.00 -12.37
CA GLN A 191 35.53 -37.40 -12.62
C GLN A 191 34.46 -37.58 -13.70
N GLN A 192 33.28 -37.02 -13.46
CA GLN A 192 32.18 -37.13 -14.41
C GLN A 192 32.12 -35.95 -15.38
N MET A 193 33.19 -35.17 -15.45
CA MET A 193 33.23 -34.10 -16.43
C MET A 193 33.84 -34.57 -17.72
N GLU A 194 34.93 -35.30 -17.62
CA GLU A 194 35.56 -35.88 -18.81
C GLU A 194 34.62 -36.92 -19.41
N SER A 195 33.92 -37.63 -18.54
CA SER A 195 32.98 -38.64 -18.98
C SER A 195 31.93 -38.06 -19.97
N CYS A 196 32.01 -36.75 -20.19
CA CYS A 196 31.17 -36.09 -21.19
C CYS A 196 31.72 -34.73 -21.60
N ARG A 197 33.01 -34.52 -21.34
CA ARG A 197 33.71 -33.35 -21.84
C ARG A 197 33.45 -33.27 -23.32
N ALA A 198 33.19 -32.07 -23.81
CA ALA A 198 32.86 -31.89 -25.21
C ALA A 198 34.09 -31.50 -26.01
N GLU A 199 33.96 -31.53 -27.32
CA GLU A 199 35.02 -31.07 -28.19
C GLU A 199 34.86 -29.58 -28.46
N ILE A 200 35.52 -28.77 -27.64
CA ILE A 200 35.50 -27.31 -27.84
C ILE A 200 36.28 -26.93 -29.10
N GLN A 201 35.65 -26.15 -29.97
CA GLN A 201 36.18 -25.90 -31.31
C GLN A 201 37.27 -24.82 -31.37
N GLU A 202 38.31 -25.01 -30.58
CA GLU A 202 39.52 -24.19 -30.67
C GLU A 202 39.27 -22.68 -30.73
N ASN A 203 39.79 -22.04 -31.78
CA ASN A 203 39.66 -20.60 -31.93
C ASN A 203 38.24 -20.20 -32.34
N HIS A 204 37.28 -21.05 -32.01
CA HIS A 204 35.90 -20.76 -32.35
C HIS A 204 35.00 -20.82 -31.12
N ASP A 205 35.47 -21.39 -30.02
CA ASP A 205 34.67 -21.33 -28.81
C ASP A 205 34.57 -19.86 -28.45
N ASP A 206 35.45 -19.06 -29.04
CA ASP A 206 35.33 -17.62 -28.93
C ASP A 206 34.51 -17.05 -30.10
N THR A 207 33.60 -17.86 -30.60
CA THR A 207 32.37 -17.40 -31.23
C THR A 207 31.23 -17.78 -30.26
N TYR A 208 31.65 -18.33 -29.12
CA TYR A 208 30.80 -18.63 -27.99
C TYR A 208 31.40 -18.03 -26.71
N GLY A 209 32.20 -16.99 -26.87
CA GLY A 209 32.98 -16.46 -25.75
C GLY A 209 32.29 -15.30 -25.05
N VAL A 210 32.53 -15.20 -23.75
CA VAL A 210 31.89 -14.16 -22.94
C VAL A 210 32.21 -12.80 -23.50
N PRO A 211 31.18 -12.03 -23.87
CA PRO A 211 31.47 -10.71 -24.43
C PRO A 211 32.02 -9.72 -23.40
N SER A 212 32.31 -8.51 -23.88
CA SER A 212 32.87 -7.43 -23.06
C SER A 212 31.94 -6.24 -23.09
N LEU A 213 32.02 -5.41 -22.05
CA LEU A 213 31.19 -4.21 -21.97
C LEU A 213 31.30 -3.35 -23.22
N GLU A 214 32.48 -3.30 -23.80
CA GLU A 214 32.66 -2.56 -25.03
C GLU A 214 31.84 -3.21 -26.11
N GLU A 215 31.94 -4.54 -26.21
CA GLU A 215 31.18 -5.31 -27.19
C GLU A 215 29.66 -5.10 -27.07
N LEU A 216 29.13 -5.16 -25.85
CA LEU A 216 27.71 -4.93 -25.65
C LEU A 216 27.34 -3.45 -25.74
N GLY A 217 28.31 -2.63 -26.12
CA GLY A 217 28.06 -1.21 -26.39
C GLY A 217 28.15 -0.29 -25.20
N PHE A 218 29.09 -0.54 -24.31
CA PHE A 218 29.20 0.27 -23.10
C PHE A 218 30.49 1.09 -23.06
N PRO A 219 30.36 2.41 -22.86
CA PRO A 219 31.54 3.25 -22.68
C PRO A 219 32.33 2.69 -21.51
N THR A 220 33.55 2.26 -21.74
CA THR A 220 34.31 1.56 -20.73
C THR A 220 35.40 2.42 -20.09
N GLU A 221 35.50 3.67 -20.54
CA GLU A 221 36.70 4.46 -20.33
C GLU A 221 37.32 4.43 -18.93
N GLY A 222 37.02 5.44 -18.11
CA GLY A 222 37.68 5.59 -16.83
C GLY A 222 36.99 4.82 -15.72
N LEU A 223 36.71 3.54 -15.97
CA LEU A 223 35.78 2.76 -15.14
C LEU A 223 36.26 2.56 -13.71
N GLY A 224 37.34 1.80 -13.56
CA GLY A 224 37.82 1.44 -12.25
C GLY A 224 37.25 0.08 -11.89
N PRO A 225 37.85 -0.57 -10.88
CA PRO A 225 37.34 -1.89 -10.51
C PRO A 225 35.92 -1.81 -9.96
N ALA A 226 35.12 -2.84 -10.25
CA ALA A 226 33.78 -3.01 -9.70
C ALA A 226 33.82 -3.08 -8.18
N VAL A 227 32.88 -2.40 -7.54
CA VAL A 227 32.80 -2.46 -6.10
C VAL A 227 32.34 -3.82 -5.66
N TRP A 228 31.50 -4.44 -6.48
CA TRP A 228 31.02 -5.78 -6.21
C TRP A 228 31.44 -6.72 -7.35
N GLN A 229 32.62 -7.31 -7.21
CA GLN A 229 33.09 -8.30 -8.19
C GLN A 229 32.14 -9.47 -8.41
N GLY A 230 31.87 -9.81 -9.66
CA GLY A 230 30.89 -10.86 -9.96
C GLY A 230 31.45 -12.28 -9.96
N GLY A 231 30.57 -13.26 -9.74
CA GLY A 231 30.94 -14.66 -9.90
C GLY A 231 30.95 -15.50 -8.64
N GLU A 232 30.95 -16.81 -8.81
CA GLU A 232 30.82 -17.76 -7.69
C GLU A 232 32.05 -17.77 -6.77
N THR A 233 33.23 -17.61 -7.37
CA THR A 233 34.48 -17.62 -6.62
C THR A 233 34.47 -16.51 -5.56
N GLU A 234 34.16 -15.29 -5.99
CA GLU A 234 34.02 -14.17 -5.08
C GLU A 234 32.95 -14.48 -4.04
N ALA A 235 31.84 -15.07 -4.51
CA ALA A 235 30.69 -15.28 -3.64
C ALA A 235 31.05 -16.24 -2.54
N LEU A 236 31.81 -17.27 -2.88
CA LEU A 236 32.22 -18.27 -1.90
C LEU A 236 33.21 -17.72 -0.86
N ALA A 237 34.00 -16.75 -1.26
CA ALA A 237 34.96 -16.13 -0.35
C ALA A 237 34.26 -15.18 0.59
N ARG A 238 33.37 -14.38 0.04
CA ARG A 238 32.58 -13.48 0.87
C ARG A 238 31.80 -14.26 1.94
N LEU A 239 31.30 -15.43 1.59
CA LEU A 239 30.60 -16.26 2.55
C LEU A 239 31.48 -16.57 3.76
N ASP A 240 32.66 -17.12 3.50
CA ASP A 240 33.63 -17.47 4.55
C ASP A 240 34.01 -16.30 5.45
N LYS A 241 34.31 -15.15 4.85
CA LYS A 241 34.60 -13.94 5.63
C LYS A 241 33.39 -13.51 6.45
N HIS A 242 32.23 -13.54 5.81
CA HIS A 242 30.98 -13.18 6.44
C HIS A 242 30.77 -13.98 7.71
N LEU A 243 31.11 -15.26 7.64
CA LEU A 243 30.88 -16.18 8.74
C LEU A 243 32.07 -16.33 9.69
N GLU A 244 33.16 -15.63 9.42
CA GLU A 244 34.28 -15.66 10.36
C GLU A 244 33.72 -15.37 11.73
N ARG A 245 33.86 -16.36 12.60
CA ARG A 245 33.19 -16.40 13.92
C ARG A 245 33.00 -15.09 14.69
N LYS A 246 34.08 -14.39 15.00
CA LYS A 246 33.96 -13.26 15.90
C LYS A 246 33.56 -11.98 15.19
N ALA A 247 33.94 -11.84 13.93
CA ALA A 247 33.44 -10.75 13.11
C ALA A 247 31.93 -10.88 13.01
N TRP A 248 31.47 -12.07 12.62
CA TRP A 248 30.04 -12.33 12.59
C TRP A 248 29.33 -11.99 13.92
N VAL A 249 29.78 -12.56 15.04
CA VAL A 249 29.17 -12.28 16.33
C VAL A 249 29.01 -10.77 16.58
N ALA A 250 27.82 -10.27 16.27
CA ALA A 250 27.51 -8.84 16.39
C ALA A 250 26.00 -8.61 16.56
N ASN A 251 25.22 -9.11 15.59
CA ASN A 251 23.79 -8.87 15.55
C ASN A 251 23.43 -7.46 15.07
N ARG A 256 21.51 -2.41 17.32
CA ARG A 256 22.12 -1.09 17.10
C ARG A 256 22.85 -1.03 15.76
N MET A 257 22.31 -0.26 14.81
CA MET A 257 22.92 -0.08 13.49
C MET A 257 24.24 0.72 13.56
N ASN A 258 25.16 0.47 12.63
CA ASN A 258 26.45 1.16 12.60
C ASN A 258 26.39 2.49 11.84
N ALA A 259 26.98 2.50 10.64
CA ALA A 259 27.14 3.68 9.79
C ALA A 259 28.19 3.28 8.79
N ASN A 260 29.23 2.63 9.32
CA ASN A 260 30.11 1.81 8.53
C ASN A 260 29.34 0.87 7.62
N SER A 261 28.11 0.56 8.02
CA SER A 261 27.27 -0.39 7.30
C SER A 261 26.69 0.19 6.03
N LEU A 262 26.61 1.51 5.97
CA LEU A 262 26.10 2.20 4.79
C LEU A 262 27.06 1.97 3.62
N LEU A 263 28.33 1.75 3.93
CA LEU A 263 29.34 1.49 2.93
C LEU A 263 29.31 0.02 2.53
N ALA A 264 29.53 -0.24 1.23
CA ALA A 264 29.50 -1.60 0.71
C ALA A 264 30.48 -2.52 1.42
N SER A 265 29.98 -3.27 2.41
CA SER A 265 30.78 -4.26 3.08
C SER A 265 31.46 -5.19 2.08
N PRO A 266 32.59 -5.76 2.47
CA PRO A 266 33.17 -6.83 1.66
C PRO A 266 32.71 -8.22 2.12
N THR A 267 31.58 -8.29 2.79
CA THR A 267 31.05 -9.57 3.27
C THR A 267 29.60 -9.69 2.89
N GLY A 268 29.11 -8.65 2.22
CA GLY A 268 27.74 -8.63 1.76
C GLY A 268 27.51 -9.74 0.74
N LEU A 269 26.38 -10.42 0.85
CA LEU A 269 26.09 -11.54 -0.05
C LEU A 269 24.93 -11.29 -1.00
N SER A 270 24.24 -10.16 -0.84
CA SER A 270 22.95 -9.97 -1.52
C SER A 270 23.01 -10.13 -3.05
N PRO A 271 23.98 -9.49 -3.72
CA PRO A 271 24.00 -9.68 -5.18
C PRO A 271 24.33 -11.11 -5.59
N TYR A 272 25.07 -11.86 -4.79
CA TYR A 272 25.44 -13.20 -5.19
C TYR A 272 24.20 -14.06 -5.07
N LEU A 273 23.44 -13.85 -4.01
CA LEU A 273 22.14 -14.52 -3.89
C LEU A 273 21.25 -14.28 -5.12
N ARG A 274 21.13 -13.03 -5.54
CA ARG A 274 20.19 -12.67 -6.59
C ARG A 274 20.59 -13.30 -7.90
N PHE A 275 21.89 -13.34 -8.15
CA PHE A 275 22.39 -13.96 -9.39
C PHE A 275 22.58 -15.47 -9.26
N GLY A 276 22.59 -15.98 -8.03
CA GLY A 276 22.76 -17.40 -7.84
C GLY A 276 24.22 -17.79 -7.86
N CYS A 277 25.10 -16.80 -7.75
CA CYS A 277 26.53 -17.05 -7.62
C CYS A 277 26.75 -17.73 -6.29
N LEU A 278 25.85 -17.47 -5.36
CA LEU A 278 25.86 -18.14 -4.07
C LEU A 278 24.56 -18.88 -3.88
N SER A 279 24.67 -20.17 -3.56
CA SER A 279 23.52 -21.01 -3.20
C SER A 279 22.88 -20.54 -1.92
N CYS A 280 21.61 -20.24 -1.97
CA CYS A 280 20.95 -19.82 -0.74
C CYS A 280 20.88 -20.92 0.33
N ARG A 281 20.93 -22.19 -0.04
CA ARG A 281 20.86 -23.25 0.99
C ARG A 281 22.19 -23.42 1.70
N LEU A 282 23.28 -23.32 0.93
CA LEU A 282 24.61 -23.29 1.48
C LEU A 282 24.65 -22.23 2.56
N PHE A 283 24.37 -20.98 2.17
CA PHE A 283 24.30 -19.87 3.11
C PHE A 283 23.48 -20.24 4.34
N TYR A 284 22.37 -20.92 4.12
CA TYR A 284 21.49 -21.30 5.22
C TYR A 284 22.19 -22.21 6.22
N TYR A 285 22.79 -23.29 5.73
CA TYR A 285 23.37 -24.25 6.67
C TYR A 285 24.66 -23.78 7.33
N ARG A 286 25.53 -23.13 6.56
CA ARG A 286 26.73 -22.52 7.15
C ARG A 286 26.36 -21.56 8.27
N LEU A 287 25.24 -20.87 8.09
CA LEU A 287 24.71 -19.99 9.12
C LEU A 287 24.35 -20.81 10.32
N TRP A 288 23.58 -21.87 10.08
CA TRP A 288 23.11 -22.80 11.11
C TRP A 288 24.30 -23.29 11.88
N ASP A 289 25.22 -23.92 11.16
CA ASP A 289 26.40 -24.53 11.74
C ASP A 289 27.13 -23.60 12.71
N LEU A 290 27.36 -22.35 12.29
CA LEU A 290 28.11 -21.41 13.10
C LEU A 290 27.35 -21.04 14.36
N TYR A 291 26.04 -20.92 14.23
CA TYR A 291 25.21 -20.53 15.36
C TYR A 291 25.22 -21.67 16.36
N LYS A 292 25.17 -22.90 15.85
CA LYS A 292 25.25 -24.09 16.68
C LYS A 292 26.50 -24.00 17.54
N LYS A 293 27.62 -23.71 16.90
CA LYS A 293 28.90 -23.67 17.59
C LYS A 293 29.08 -22.45 18.49
N VAL A 294 28.22 -21.45 18.38
CA VAL A 294 28.33 -20.29 19.25
C VAL A 294 27.35 -20.32 20.41
N LYS A 295 26.06 -20.21 20.12
CA LYS A 295 25.07 -20.31 21.19
C LYS A 295 24.92 -21.75 21.68
N ARG A 296 25.56 -22.67 20.97
CA ARG A 296 25.68 -24.06 21.43
C ARG A 296 24.35 -24.79 21.43
N ASN A 297 24.29 -25.84 22.24
CA ASN A 297 23.07 -26.60 22.47
C ASN A 297 21.84 -25.71 22.31
N SER A 298 21.40 -25.54 21.06
CA SER A 298 20.23 -24.70 20.78
C SER A 298 19.79 -24.70 19.33
N THR A 299 18.50 -24.42 19.15
CA THR A 299 17.92 -24.18 17.84
C THR A 299 17.62 -22.69 17.72
N PRO A 300 18.16 -22.03 16.69
CA PRO A 300 18.17 -20.57 16.61
C PRO A 300 16.82 -20.00 16.24
N PRO A 301 16.62 -18.71 16.49
CA PRO A 301 15.40 -18.00 16.11
C PRO A 301 15.37 -17.73 14.60
N LEU A 302 14.18 -17.72 14.02
CA LEU A 302 14.03 -17.42 12.61
C LEU A 302 14.72 -16.13 12.18
N SER A 303 14.91 -15.18 13.09
CA SER A 303 15.52 -13.91 12.73
C SER A 303 16.95 -14.11 12.19
N LEU A 304 17.64 -15.13 12.69
CA LEU A 304 18.97 -15.50 12.20
C LEU A 304 18.99 -15.53 10.69
N PHE A 305 17.91 -16.05 10.12
CA PHE A 305 17.80 -16.25 8.70
C PHE A 305 16.94 -15.16 8.06
N GLY A 306 16.65 -14.10 8.80
CA GLY A 306 15.86 -13.02 8.27
C GLY A 306 16.17 -12.62 6.82
N GLN A 307 17.44 -12.46 6.47
CA GLN A 307 17.77 -12.07 5.10
C GLN A 307 17.26 -13.05 4.03
N LEU A 308 17.34 -14.35 4.33
CA LEU A 308 16.90 -15.39 3.40
C LEU A 308 15.37 -15.55 3.38
N LEU A 309 14.73 -15.34 4.53
CA LEU A 309 13.31 -15.59 4.68
C LEU A 309 12.45 -14.51 4.02
N TRP A 310 12.91 -13.27 4.09
CA TRP A 310 12.20 -12.18 3.42
C TRP A 310 12.24 -12.43 1.92
N ARG A 311 13.38 -12.87 1.44
CA ARG A 311 13.54 -13.26 0.05
C ARG A 311 12.50 -14.32 -0.32
N GLU A 312 12.38 -15.37 0.49
CA GLU A 312 11.42 -16.44 0.22
C GLU A 312 10.02 -15.90 0.24
N PHE A 313 9.74 -15.09 1.24
CA PHE A 313 8.42 -14.50 1.36
C PHE A 313 7.99 -13.70 0.10
N PHE A 314 8.89 -12.91 -0.48
CA PHE A 314 8.55 -12.18 -1.71
C PHE A 314 8.44 -13.08 -2.93
N TYR A 315 9.39 -14.02 -3.04
CA TYR A 315 9.27 -15.06 -4.04
C TYR A 315 7.92 -15.78 -3.97
N THR A 316 7.63 -16.35 -2.80
CA THR A 316 6.40 -17.10 -2.64
C THR A 316 5.19 -16.26 -3.05
N ALA A 317 5.22 -14.98 -2.71
CA ALA A 317 4.06 -14.14 -2.94
C ALA A 317 3.91 -13.87 -4.43
N ALA A 318 5.05 -13.88 -5.13
CA ALA A 318 5.09 -13.51 -6.53
C ALA A 318 4.82 -14.62 -7.57
N THR A 319 5.10 -15.89 -7.27
CA THR A 319 5.01 -16.94 -8.32
C THR A 319 3.72 -16.97 -9.10
N ASN A 320 2.59 -16.70 -8.47
CA ASN A 320 1.33 -16.87 -9.17
C ASN A 320 0.63 -15.54 -9.37
N ASN A 321 1.40 -14.47 -9.36
CA ASN A 321 0.86 -13.16 -9.58
C ASN A 321 1.65 -12.43 -10.68
N PRO A 322 1.32 -12.72 -11.95
CA PRO A 322 2.01 -12.10 -13.08
C PRO A 322 1.90 -10.57 -13.11
N ARG A 323 0.92 -9.98 -12.43
CA ARG A 323 0.89 -8.51 -12.32
C ARG A 323 1.53 -8.01 -11.01
N PHE A 324 2.41 -8.84 -10.45
CA PHE A 324 3.03 -8.56 -9.16
C PHE A 324 3.82 -7.25 -9.08
N ASP A 325 4.43 -6.82 -10.19
CA ASP A 325 5.20 -5.58 -10.21
C ASP A 325 4.40 -4.40 -10.78
N ARG A 326 3.08 -4.50 -10.79
CA ARG A 326 2.23 -3.38 -11.19
C ARG A 326 1.16 -3.08 -10.13
N MET A 327 0.56 -1.90 -10.21
CA MET A 327 -0.56 -1.58 -9.36
C MET A 327 -1.85 -2.20 -9.90
N GLU A 328 -2.19 -1.83 -11.14
CA GLU A 328 -3.43 -2.31 -11.76
C GLU A 328 -3.38 -3.78 -12.13
N GLY A 329 -4.49 -4.46 -11.90
CA GLY A 329 -4.59 -5.88 -12.21
C GLY A 329 -3.86 -6.75 -11.19
N ASN A 330 -3.29 -6.10 -10.19
CA ASN A 330 -2.58 -6.80 -9.13
C ASN A 330 -3.51 -6.98 -7.95
N PRO A 331 -3.92 -8.22 -7.69
CA PRO A 331 -4.95 -8.45 -6.68
C PRO A 331 -4.47 -8.12 -5.26
N ILE A 332 -3.16 -8.14 -4.98
CA ILE A 332 -2.75 -7.86 -3.61
C ILE A 332 -2.48 -6.40 -3.34
N CYS A 333 -2.46 -5.62 -4.40
CA CYS A 333 -2.07 -4.22 -4.32
C CYS A 333 -3.26 -3.29 -4.12
N ILE A 334 -3.16 -2.39 -3.15
CA ILE A 334 -4.15 -1.31 -3.03
C ILE A 334 -3.98 -0.30 -4.18
N GLN A 335 -5.10 0.08 -4.77
CA GLN A 335 -5.13 1.11 -5.82
C GLN A 335 -5.02 2.48 -5.18
N ILE A 336 -3.88 3.12 -5.37
CA ILE A 336 -3.62 4.42 -4.82
C ILE A 336 -3.39 5.37 -6.00
N PRO A 337 -3.89 6.61 -5.91
CA PRO A 337 -3.76 7.53 -7.05
C PRO A 337 -2.44 8.28 -7.06
N TRP A 338 -1.34 7.59 -7.34
CA TRP A 338 -0.07 8.26 -7.51
C TRP A 338 -0.13 9.25 -8.68
N ASP A 339 0.59 10.37 -8.63
CA ASP A 339 0.68 11.15 -9.87
C ASP A 339 1.87 10.78 -10.74
N ARG A 340 1.61 10.69 -12.04
CA ARG A 340 2.65 10.59 -13.06
C ARG A 340 3.37 11.92 -12.99
N ASN A 341 4.70 11.84 -12.88
CA ASN A 341 5.53 13.03 -12.78
C ASN A 341 6.98 12.72 -13.15
N PRO A 342 7.26 12.76 -14.53
CA PRO A 342 8.65 12.39 -14.85
C PRO A 342 9.67 13.42 -14.33
N GLU A 343 9.22 14.65 -14.11
CA GLU A 343 10.09 15.70 -13.61
C GLU A 343 10.60 15.38 -12.22
N ALA A 344 9.67 15.09 -11.31
CA ALA A 344 10.03 14.75 -9.93
C ALA A 344 10.79 13.43 -9.87
N LEU A 345 10.35 12.47 -10.68
CA LEU A 345 11.00 11.17 -10.74
C LEU A 345 12.47 11.33 -11.09
N ALA A 346 12.76 12.09 -12.15
CA ALA A 346 14.12 12.44 -12.56
C ALA A 346 14.96 13.04 -11.43
N LYS A 347 14.42 14.03 -10.74
CA LYS A 347 15.14 14.66 -9.65
C LYS A 347 15.57 13.61 -8.63
N TRP A 348 14.67 12.67 -8.38
CA TRP A 348 14.93 11.59 -7.43
C TRP A 348 15.94 10.61 -8.02
N ALA A 349 15.74 10.25 -9.29
CA ALA A 349 16.61 9.29 -9.93
C ALA A 349 18.06 9.75 -9.98
N GLU A 350 18.25 11.06 -10.05
CA GLU A 350 19.55 11.63 -10.39
C GLU A 350 20.27 12.20 -9.19
N GLY A 351 19.65 12.11 -8.02
CA GLY A 351 20.22 12.71 -6.82
C GLY A 351 20.23 14.22 -6.99
N LYS A 352 19.11 14.77 -7.46
CA LYS A 352 18.95 16.21 -7.53
C LYS A 352 17.70 16.62 -6.75
N THR A 353 17.54 16.06 -5.56
CA THR A 353 16.54 16.56 -4.65
C THR A 353 17.36 17.47 -3.76
N GLY A 354 16.76 18.34 -2.98
CA GLY A 354 17.62 19.17 -2.17
C GLY A 354 18.27 18.43 -1.01
N PHE A 355 17.98 17.16 -0.84
CA PHE A 355 18.32 16.52 0.43
C PHE A 355 19.58 15.64 0.34
N PRO A 356 20.69 16.12 0.92
CA PRO A 356 21.94 15.36 0.90
C PRO A 356 21.74 13.87 1.17
N TRP A 357 21.10 13.54 2.30
CA TRP A 357 20.73 12.16 2.58
C TRP A 357 20.15 11.50 1.31
N ILE A 358 19.02 11.97 0.80
CA ILE A 358 18.47 11.32 -0.38
C ILE A 358 19.45 11.24 -1.57
N ASP A 359 20.06 12.37 -1.95
CA ASP A 359 20.98 12.37 -3.10
C ASP A 359 22.24 11.53 -2.86
N ALA A 360 22.73 11.54 -1.62
CA ALA A 360 23.84 10.68 -1.32
C ALA A 360 23.44 9.25 -1.62
N ILE A 361 22.25 8.83 -1.18
CA ILE A 361 21.78 7.46 -1.43
C ILE A 361 21.80 7.18 -2.94
N MET A 362 21.10 8.02 -3.70
CA MET A 362 20.90 7.72 -5.11
C MET A 362 22.20 7.74 -5.87
N THR A 363 23.17 8.49 -5.35
CA THR A 363 24.45 8.56 -6.02
C THR A 363 25.20 7.27 -5.82
N GLN A 364 25.32 6.86 -4.56
CA GLN A 364 25.93 5.58 -4.27
C GLN A 364 25.26 4.48 -5.06
N LEU A 365 23.93 4.56 -5.19
CA LEU A 365 23.18 3.57 -5.97
C LEU A 365 23.72 3.41 -7.37
N ARG A 366 23.64 4.53 -8.11
CA ARG A 366 24.01 4.60 -9.52
C ARG A 366 25.48 4.27 -9.70
N GLN A 367 26.30 4.71 -8.75
CA GLN A 367 27.72 4.46 -8.83
C GLN A 367 28.15 3.00 -8.63
N GLU A 368 27.63 2.35 -7.59
CA GLU A 368 28.23 1.07 -7.17
C GLU A 368 27.34 -0.13 -7.39
N GLY A 369 26.03 0.08 -7.39
CA GLY A 369 25.08 -0.99 -7.58
C GLY A 369 24.44 -1.57 -6.34
N TRP A 370 24.79 -1.03 -5.17
CA TRP A 370 24.25 -1.51 -3.91
C TRP A 370 24.09 -0.36 -2.92
N ILE A 371 22.98 -0.37 -2.20
CA ILE A 371 22.77 0.55 -1.09
C ILE A 371 22.09 -0.22 0.04
N HIS A 372 22.50 0.07 1.27
CA HIS A 372 21.99 -0.59 2.45
C HIS A 372 20.45 -0.52 2.50
N HIS A 373 19.80 -1.57 3.00
CA HIS A 373 18.32 -1.59 3.02
C HIS A 373 17.69 -0.42 3.81
N LEU A 374 18.30 -0.01 4.91
CA LEU A 374 17.82 1.21 5.56
C LEU A 374 17.81 2.41 4.61
N ALA A 375 18.80 2.51 3.74
CA ALA A 375 18.81 3.60 2.79
C ALA A 375 17.77 3.36 1.68
N ARG A 376 17.52 2.09 1.33
CA ARG A 376 16.40 1.79 0.45
C ARG A 376 15.05 2.31 0.99
N HIS A 377 14.79 2.14 2.28
CA HIS A 377 13.54 2.63 2.83
C HIS A 377 13.46 4.16 2.73
N ALA A 378 14.58 4.81 2.99
CA ALA A 378 14.59 6.28 3.07
C ALA A 378 14.21 6.83 1.71
N VAL A 379 14.88 6.25 0.73
CA VAL A 379 14.77 6.61 -0.65
C VAL A 379 13.43 6.15 -1.21
N ALA A 380 13.01 4.93 -0.92
CA ALA A 380 11.70 4.47 -1.38
C ALA A 380 10.58 5.33 -0.79
N CYS A 381 10.69 5.66 0.48
CA CYS A 381 9.62 6.40 1.12
C CYS A 381 9.54 7.81 0.55
N PHE A 382 10.69 8.42 0.33
CA PHE A 382 10.74 9.79 -0.17
C PHE A 382 9.99 9.90 -1.47
N LEU A 383 10.14 8.86 -2.28
CA LEU A 383 9.54 8.81 -3.60
C LEU A 383 8.03 8.53 -3.60
N THR A 384 7.59 7.66 -2.71
CA THR A 384 6.18 7.28 -2.61
C THR A 384 5.41 8.09 -1.57
N ARG A 385 5.12 7.49 -0.42
CA ARG A 385 4.12 8.06 0.48
C ARG A 385 4.65 9.18 1.37
N GLY A 386 5.97 9.22 1.56
CA GLY A 386 6.61 10.25 2.35
C GLY A 386 6.54 11.63 1.71
N ASP A 387 6.99 11.77 0.46
CA ASP A 387 7.09 13.09 -0.16
C ASP A 387 6.54 13.21 -1.58
N LEU A 388 7.28 12.69 -2.56
CA LEU A 388 6.93 12.92 -3.95
C LEU A 388 5.60 12.35 -4.35
N TRP A 389 5.15 11.31 -3.65
CA TRP A 389 3.90 10.70 -4.00
C TRP A 389 3.93 10.15 -5.43
N VAL A 390 5.11 9.78 -5.91
CA VAL A 390 5.21 9.17 -7.23
C VAL A 390 4.93 7.68 -7.08
N SER A 391 4.43 7.04 -8.13
CA SER A 391 4.09 5.63 -8.02
C SER A 391 5.28 4.73 -7.68
N TRP A 392 5.02 3.64 -6.96
CA TRP A 392 6.10 2.72 -6.57
C TRP A 392 6.61 1.88 -7.77
N GLU A 393 5.78 1.75 -8.80
CA GLU A 393 6.19 1.03 -10.00
C GLU A 393 7.38 1.72 -10.61
N SER A 394 7.43 3.04 -10.44
CA SER A 394 8.52 3.80 -11.01
C SER A 394 9.83 3.60 -10.22
N GLY A 395 9.71 3.56 -8.89
CA GLY A 395 10.83 3.16 -8.05
C GLY A 395 11.33 1.78 -8.45
N VAL A 396 10.41 0.84 -8.64
CA VAL A 396 10.82 -0.49 -9.13
C VAL A 396 11.71 -0.39 -10.37
N ARG A 397 11.26 0.34 -11.39
CA ARG A 397 12.00 0.41 -12.66
C ARG A 397 13.41 0.99 -12.55
N VAL A 398 13.56 2.09 -11.80
CA VAL A 398 14.86 2.65 -11.49
C VAL A 398 15.75 1.64 -10.74
N PHE A 399 15.23 1.03 -9.69
CA PHE A 399 16.01 0.00 -8.98
C PHE A 399 16.37 -1.19 -9.85
N ASP A 400 15.49 -1.54 -10.79
CA ASP A 400 15.75 -2.67 -11.64
C ASP A 400 16.97 -2.39 -12.50
N GLU A 401 17.18 -1.11 -12.81
CA GLU A 401 18.27 -0.71 -13.68
C GLU A 401 19.60 -0.55 -12.94
N LEU A 402 19.52 -0.16 -11.68
CA LEU A 402 20.71 0.17 -10.91
C LEU A 402 21.16 -0.83 -9.82
N LEU A 403 20.22 -1.55 -9.21
CA LEU A 403 20.50 -2.35 -8.00
C LEU A 403 20.84 -3.79 -8.32
N LEU A 404 22.07 -4.21 -8.05
CA LEU A 404 22.49 -5.57 -8.35
C LEU A 404 21.60 -6.69 -7.78
N ASP A 405 20.94 -6.47 -6.64
CA ASP A 405 20.24 -7.59 -5.97
C ASP A 405 18.74 -7.58 -6.19
N ALA A 406 18.29 -6.73 -7.09
CA ALA A 406 16.88 -6.49 -7.33
C ALA A 406 16.32 -7.35 -8.45
N ASP A 407 15.78 -8.51 -8.13
CA ASP A 407 15.07 -9.27 -9.14
C ASP A 407 13.59 -8.93 -9.05
N PHE A 408 12.77 -9.52 -9.92
CA PHE A 408 11.33 -9.26 -10.01
C PHE A 408 10.55 -9.37 -8.69
N SER A 409 10.56 -10.54 -8.06
CA SER A 409 9.79 -10.76 -6.83
C SER A 409 10.25 -9.88 -5.65
N VAL A 410 11.54 -9.86 -5.38
CA VAL A 410 12.05 -9.15 -4.21
C VAL A 410 11.92 -7.65 -4.30
N ASN A 411 12.10 -7.12 -5.51
CA ASN A 411 12.11 -5.68 -5.70
C ASN A 411 10.68 -5.12 -5.72
N ALA A 412 9.78 -5.77 -6.42
CA ALA A 412 8.38 -5.35 -6.39
C ALA A 412 7.86 -5.46 -4.97
N GLY A 413 8.15 -6.61 -4.36
CA GLY A 413 7.84 -6.86 -2.98
C GLY A 413 8.20 -5.72 -2.04
N SER A 414 9.47 -5.35 -1.94
CA SER A 414 9.85 -4.28 -1.00
C SER A 414 9.15 -2.98 -1.34
N TRP A 415 8.97 -2.69 -2.62
CA TRP A 415 8.35 -1.43 -2.98
C TRP A 415 6.88 -1.37 -2.57
N MET A 416 6.14 -2.46 -2.79
CA MET A 416 4.76 -2.51 -2.30
C MET A 416 4.71 -2.39 -0.79
N TRP A 417 5.69 -3.02 -0.13
CA TRP A 417 5.74 -2.98 1.34
C TRP A 417 5.96 -1.56 1.81
N LEU A 418 7.04 -0.95 1.32
CA LEU A 418 7.45 0.42 1.68
C LEU A 418 6.43 1.52 1.35
N SER A 419 5.78 1.42 0.20
CA SER A 419 4.74 2.38 -0.10
C SER A 419 3.43 2.07 0.58
N CYS A 420 3.40 1.06 1.47
CA CYS A 420 2.14 0.66 2.11
C CYS A 420 1.04 0.36 1.08
N SER A 421 1.40 -0.38 0.03
CA SER A 421 0.46 -0.69 -1.04
C SER A 421 -0.04 -2.12 -0.90
N ALA A 422 0.70 -2.92 -0.13
CA ALA A 422 0.36 -4.32 0.02
C ALA A 422 0.90 -4.84 1.34
N PHE A 423 0.44 -6.02 1.72
CA PHE A 423 0.90 -6.73 2.92
C PHE A 423 0.41 -6.15 4.27
N PHE A 424 -0.62 -5.32 4.22
CA PHE A 424 -1.38 -5.00 5.43
C PHE A 424 -0.54 -4.42 6.56
N GLN A 425 0.22 -3.39 6.24
CA GLN A 425 1.08 -2.74 7.20
C GLN A 425 0.54 -1.39 7.64
N GLN A 426 1.26 -0.77 8.55
CA GLN A 426 0.86 0.49 9.14
C GLN A 426 1.60 1.60 8.38
N PHE A 427 0.91 2.71 8.12
CA PHE A 427 1.46 3.76 7.26
C PHE A 427 1.87 5.05 7.98
N PHE A 428 1.91 5.05 9.31
CA PHE A 428 2.20 6.26 10.07
C PHE A 428 3.70 6.47 10.31
N HIS A 429 4.53 5.49 9.99
CA HIS A 429 5.96 5.59 10.23
C HIS A 429 6.61 6.46 9.17
N CYS A 430 7.29 7.51 9.59
CA CYS A 430 7.86 8.49 8.67
C CYS A 430 9.37 8.31 8.49
N TYR A 431 9.85 8.46 7.26
CA TYR A 431 11.29 8.57 7.04
C TYR A 431 11.66 10.00 6.65
N CYS A 432 12.18 10.77 7.59
CA CYS A 432 12.49 12.19 7.34
C CYS A 432 13.72 12.34 6.47
N PRO A 433 13.62 13.18 5.42
CA PRO A 433 14.76 13.33 4.52
C PRO A 433 15.96 13.95 5.21
N VAL A 434 15.77 14.50 6.42
CA VAL A 434 16.86 15.08 7.19
C VAL A 434 17.12 14.30 8.48
N GLY A 435 16.10 14.20 9.31
CA GLY A 435 16.21 13.54 10.59
C GLY A 435 16.69 12.12 10.50
N PHE A 436 16.03 11.34 9.67
CA PHE A 436 16.35 9.94 9.66
C PHE A 436 17.80 9.75 9.26
N GLY A 437 18.25 10.59 8.31
CA GLY A 437 19.63 10.55 7.86
C GLY A 437 20.62 10.95 8.95
N ARG A 438 20.39 12.10 9.57
CA ARG A 438 21.26 12.50 10.65
C ARG A 438 21.33 11.44 11.75
N ARG A 439 20.24 10.75 12.01
CA ARG A 439 20.28 9.75 13.08
C ARG A 439 20.98 8.47 12.69
N THR A 440 21.04 8.16 11.41
CA THR A 440 21.75 6.93 11.06
C THR A 440 23.24 7.18 10.76
N ASP A 441 23.63 8.44 10.62
CA ASP A 441 25.03 8.77 10.49
C ASP A 441 25.26 10.27 10.74
N PRO A 442 25.25 10.68 12.02
CA PRO A 442 25.41 12.07 12.46
C PRO A 442 26.71 12.71 12.00
N SER A 443 27.76 11.89 11.90
CA SER A 443 29.06 12.37 11.45
C SER A 443 28.97 13.10 10.09
N GLY A 444 28.08 12.66 9.22
CA GLY A 444 27.94 13.23 7.89
C GLY A 444 28.97 12.70 6.88
N ASP A 445 29.75 11.71 7.29
CA ASP A 445 30.80 11.22 6.43
C ASP A 445 30.28 10.40 5.25
N TYR A 446 29.06 9.89 5.36
CA TYR A 446 28.43 9.22 4.23
C TYR A 446 28.17 10.24 3.14
N ILE A 447 27.59 11.35 3.53
CA ILE A 447 27.25 12.39 2.58
C ILE A 447 28.54 12.93 1.98
N ARG A 448 29.56 13.09 2.81
CA ARG A 448 30.86 13.58 2.37
C ARG A 448 31.65 12.59 1.50
N ARG A 449 31.07 11.43 1.22
CA ARG A 449 31.71 10.46 0.33
C ARG A 449 31.13 10.50 -1.08
N TYR A 450 29.86 10.93 -1.20
CA TYR A 450 29.10 10.81 -2.46
C TYR A 450 28.61 12.16 -2.93
N LEU A 451 28.52 13.08 -2.00
CA LEU A 451 28.14 14.45 -2.31
C LEU A 451 29.32 15.33 -1.89
N PRO A 452 30.44 15.22 -2.61
CA PRO A 452 31.67 15.86 -2.12
C PRO A 452 31.65 17.38 -2.29
N LYS A 453 30.76 17.90 -3.14
CA LYS A 453 30.57 19.34 -3.21
C LYS A 453 30.15 19.90 -1.84
N LEU A 454 30.19 19.05 -0.82
CA LEU A 454 29.82 19.45 0.53
C LEU A 454 30.86 19.04 1.59
N LYS A 455 32.03 18.58 1.15
CA LYS A 455 33.13 18.29 2.08
C LYS A 455 33.10 19.27 3.27
N GLY A 456 32.98 20.55 2.94
CA GLY A 456 33.30 21.62 3.86
C GLY A 456 32.29 21.88 4.95
N PHE A 457 31.04 21.57 4.68
CA PHE A 457 29.98 21.73 5.68
C PHE A 457 30.23 20.95 6.96
N PRO A 458 29.95 21.59 8.10
CA PRO A 458 30.05 20.80 9.32
C PRO A 458 28.80 19.92 9.53
N SER A 459 28.99 18.77 10.15
CA SER A 459 27.90 17.84 10.47
C SER A 459 26.61 18.57 10.91
N ARG A 460 26.79 19.55 11.79
CA ARG A 460 25.74 20.48 12.20
C ARG A 460 24.76 20.89 11.09
N TYR A 461 25.23 21.04 9.86
CA TYR A 461 24.35 21.55 8.80
C TYR A 461 24.31 20.71 7.53
N ILE A 462 25.05 19.61 7.50
CA ILE A 462 25.22 18.87 6.24
C ILE A 462 23.99 18.08 5.77
N TYR A 463 23.14 17.67 6.70
CA TYR A 463 21.88 17.02 6.34
C TYR A 463 20.85 18.07 5.91
N GLU A 464 21.26 19.32 6.04
CA GLU A 464 20.38 20.45 5.82
C GLU A 464 21.25 21.67 5.57
N PRO A 465 21.90 21.70 4.40
CA PRO A 465 22.80 22.76 3.93
C PRO A 465 22.12 24.12 3.85
N TRP A 466 20.89 24.17 3.38
CA TRP A 466 20.17 25.44 3.24
C TRP A 466 19.92 26.14 4.59
N ASN A 467 20.09 25.40 5.68
CA ASN A 467 19.93 25.97 7.02
C ASN A 467 21.26 26.38 7.66
N ALA A 468 22.29 26.51 6.84
CA ALA A 468 23.55 27.02 7.32
C ALA A 468 23.65 28.48 6.91
N PRO A 469 24.22 29.31 7.79
CA PRO A 469 24.48 30.73 7.48
C PRO A 469 25.41 30.87 6.27
N GLU A 470 25.30 31.97 5.54
CA GLU A 470 26.14 32.16 4.36
C GLU A 470 27.61 32.21 4.75
N SER A 471 27.89 32.70 5.95
CA SER A 471 29.22 32.64 6.52
C SER A 471 29.83 31.23 6.51
N VAL A 472 28.95 30.22 6.58
CA VAL A 472 29.37 28.81 6.66
C VAL A 472 29.34 28.16 5.27
N GLN A 473 28.35 28.54 4.46
CA GLN A 473 28.30 28.14 3.06
C GLN A 473 29.60 28.51 2.36
N LYS A 474 30.05 29.73 2.62
CA LYS A 474 31.21 30.25 1.91
C LYS A 474 32.51 29.57 2.37
N ALA A 475 32.68 29.43 3.68
CA ALA A 475 33.85 28.74 4.19
C ALA A 475 33.89 27.29 3.69
N ALA A 476 32.74 26.81 3.24
CA ALA A 476 32.65 25.45 2.68
C ALA A 476 32.62 25.48 1.15
N LYS A 477 32.81 26.66 0.57
CA LYS A 477 32.66 26.86 -0.87
C LYS A 477 31.49 26.07 -1.42
N CYS A 478 30.30 26.34 -0.91
CA CYS A 478 29.09 25.76 -1.48
C CYS A 478 27.89 26.66 -1.23
N ILE A 479 27.32 27.21 -2.29
CA ILE A 479 26.19 28.10 -2.12
C ILE A 479 24.91 27.43 -2.55
N ILE A 480 24.11 27.05 -1.57
CA ILE A 480 22.82 26.42 -1.83
C ILE A 480 22.03 27.27 -2.81
N GLY A 481 21.54 26.65 -3.88
CA GLY A 481 20.90 27.38 -4.95
C GLY A 481 21.83 27.46 -6.14
N VAL A 482 23.12 27.27 -5.89
CA VAL A 482 24.10 27.28 -6.97
C VAL A 482 24.94 26.00 -7.06
N ASP A 483 25.84 25.80 -6.10
CA ASP A 483 26.72 24.64 -6.11
C ASP A 483 25.94 23.34 -5.89
N TYR A 484 24.83 23.47 -5.16
CA TYR A 484 24.03 22.33 -4.74
C TYR A 484 22.60 22.83 -4.73
N PRO A 485 21.65 22.01 -5.21
CA PRO A 485 20.31 22.60 -5.32
C PRO A 485 19.58 22.73 -3.99
N ARG A 486 18.55 23.56 -4.01
CA ARG A 486 17.66 23.72 -2.86
C ARG A 486 16.65 22.58 -2.82
N PRO A 487 16.30 22.14 -1.61
CA PRO A 487 15.24 21.15 -1.36
C PRO A 487 14.04 21.34 -2.30
N ILE A 488 13.54 20.27 -2.91
CA ILE A 488 12.37 20.40 -3.78
C ILE A 488 10.99 20.22 -3.14
N VAL A 489 10.92 20.10 -1.81
CA VAL A 489 9.62 20.05 -1.13
C VAL A 489 9.76 20.55 0.30
N ASN A 490 8.69 21.09 0.86
CA ASN A 490 8.67 21.25 2.30
C ASN A 490 8.16 19.97 2.93
N HIS A 491 9.07 19.17 3.47
CA HIS A 491 8.74 17.88 4.05
C HIS A 491 7.51 17.91 4.99
N ALA A 492 7.47 18.88 5.89
CA ALA A 492 6.33 19.05 6.79
C ALA A 492 5.00 19.15 6.06
N GLU A 493 4.86 20.10 5.15
CA GLU A 493 3.58 20.27 4.45
C GLU A 493 3.28 19.07 3.56
N THR A 494 4.31 18.35 3.15
CA THR A 494 4.12 17.15 2.33
C THR A 494 3.67 15.96 3.16
N SER A 495 4.44 15.68 4.22
CA SER A 495 4.05 14.75 5.27
C SER A 495 2.57 14.87 5.62
N ARG A 496 2.14 16.08 5.97
CA ARG A 496 0.75 16.32 6.35
C ARG A 496 -0.22 16.00 5.23
N LEU A 497 0.16 16.32 4.00
CA LEU A 497 -0.70 16.06 2.86
C LEU A 497 -0.83 14.55 2.60
N ASN A 498 0.31 13.86 2.59
CA ASN A 498 0.35 12.44 2.26
C ASN A 498 -0.27 11.55 3.36
N ILE A 499 -0.05 11.91 4.62
CA ILE A 499 -0.69 11.21 5.70
C ILE A 499 -2.19 11.24 5.49
N GLU A 500 -2.73 12.40 5.17
CA GLU A 500 -4.15 12.52 4.98
C GLU A 500 -4.62 11.55 3.89
N ARG A 501 -3.90 11.49 2.77
CA ARG A 501 -4.28 10.68 1.61
C ARG A 501 -4.28 9.18 1.93
N MET A 502 -3.18 8.69 2.50
CA MET A 502 -3.18 7.37 3.07
C MET A 502 -4.43 7.21 3.93
N LYS A 503 -4.63 8.15 4.85
CA LYS A 503 -5.73 8.03 5.81
C LYS A 503 -6.99 7.66 5.05
N GLN A 504 -7.32 8.48 4.07
CA GLN A 504 -8.54 8.26 3.31
C GLN A 504 -8.50 6.90 2.67
N ILE A 505 -7.38 6.54 2.05
CA ILE A 505 -7.35 5.31 1.30
C ILE A 505 -7.60 4.08 2.18
N TYR A 506 -6.93 4.02 3.32
CA TYR A 506 -7.13 2.91 4.23
C TYR A 506 -8.52 2.94 4.87
N GLN A 507 -9.07 4.14 5.02
CA GLN A 507 -10.39 4.24 5.62
C GLN A 507 -11.48 3.64 4.74
N GLN A 508 -11.47 3.95 3.46
CA GLN A 508 -12.49 3.41 2.58
C GLN A 508 -12.20 1.94 2.32
N LEU A 509 -11.05 1.47 2.78
CA LEU A 509 -10.71 0.07 2.58
C LEU A 509 -11.13 -0.80 3.77
N SER A 510 -11.04 -0.25 4.98
CA SER A 510 -11.52 -0.92 6.18
C SER A 510 -12.98 -0.65 6.39
N ARG A 511 -13.46 0.41 5.75
CA ARG A 511 -14.79 0.92 6.02
C ARG A 511 -14.87 1.38 7.47
N TYR A 512 -13.72 1.39 8.13
CA TYR A 512 -13.58 1.96 9.47
C TYR A 512 -13.98 3.43 9.51
N ARG A 513 -15.12 3.68 10.13
CA ARG A 513 -15.53 5.02 10.52
C ARG A 513 -14.98 5.20 11.92
N GLY A 514 -14.23 6.27 12.14
CA GLY A 514 -13.50 6.41 13.38
C GLY A 514 -12.33 7.35 13.26
N LEU A 515 -11.75 7.71 14.40
CA LEU A 515 -10.80 8.80 14.41
C LEU A 515 -9.35 8.39 14.63
N CYS A 516 -9.06 7.10 14.79
CA CYS A 516 -7.69 6.68 15.06
C CYS A 516 -7.03 6.20 13.80
N LEU A 517 -5.72 6.37 13.67
CA LEU A 517 -5.11 5.87 12.47
C LEU A 517 -4.54 4.45 12.55
N LEU A 518 -4.32 3.94 13.76
CA LEU A 518 -3.90 2.56 13.89
C LEU A 518 -5.04 1.61 13.62
N ALA A 519 -6.25 2.14 13.59
CA ALA A 519 -7.43 1.32 13.43
C ALA A 519 -7.90 1.24 11.98
N SER A 520 -7.43 2.14 11.13
CA SER A 520 -7.85 2.14 9.73
C SER A 520 -7.14 1.04 8.96
N VAL A 521 -6.07 0.52 9.55
CA VAL A 521 -5.27 -0.50 8.90
C VAL A 521 -5.90 -1.87 9.10
N PRO A 522 -6.42 -2.46 8.02
CA PRO A 522 -6.76 -3.88 8.14
C PRO A 522 -5.48 -4.66 8.43
N SER A 523 -5.56 -5.83 9.05
CA SER A 523 -4.37 -6.62 9.38
C SER A 523 -4.25 -7.96 8.60
N CYS A 524 -5.22 -8.22 7.73
CA CYS A 524 -5.24 -9.41 6.87
C CYS A 524 -6.49 -9.35 5.97
N VAL A 525 -6.62 -10.31 5.04
CA VAL A 525 -7.68 -10.33 4.01
C VAL A 525 -8.76 -9.26 4.12
N GLU A 526 -8.94 -8.51 3.03
CA GLU A 526 -9.76 -7.29 2.98
C GLU A 526 -11.10 -7.35 3.73
N ASP A 527 -11.74 -6.19 3.89
CA ASP A 527 -13.01 -6.09 4.60
C ASP A 527 -13.99 -5.12 3.90
N ASP B 35 -43.20 -13.05 -15.06
CA ASP B 35 -41.87 -13.52 -15.42
C ASP B 35 -40.85 -12.85 -14.53
N TRP B 36 -39.58 -12.94 -14.90
CA TRP B 36 -38.55 -12.13 -14.25
C TRP B 36 -38.43 -10.82 -15.01
N GLY B 37 -38.62 -10.89 -16.34
CA GLY B 37 -38.54 -9.74 -17.20
C GLY B 37 -39.31 -8.55 -16.68
N ASN B 38 -40.58 -8.78 -16.34
CA ASN B 38 -41.44 -7.68 -15.92
C ASN B 38 -41.74 -7.71 -14.44
N LEU B 39 -41.01 -8.56 -13.73
CA LEU B 39 -41.17 -8.70 -12.28
C LEU B 39 -42.16 -7.69 -11.71
N LEU B 40 -41.65 -6.56 -11.21
CA LEU B 40 -42.53 -5.46 -10.84
C LEU B 40 -41.88 -4.28 -11.46
N GLN B 41 -41.03 -3.65 -10.67
CA GLN B 41 -40.17 -2.59 -11.15
C GLN B 41 -39.65 -1.87 -9.93
N ASP B 42 -40.55 -1.60 -8.99
CA ASP B 42 -40.08 -1.11 -7.70
C ASP B 42 -39.35 -2.24 -6.99
N ILE B 43 -39.53 -3.44 -7.51
CA ILE B 43 -38.79 -4.60 -7.02
C ILE B 43 -37.37 -4.53 -7.57
N ILE B 44 -37.26 -4.52 -8.89
CA ILE B 44 -35.98 -4.38 -9.56
C ILE B 44 -35.16 -3.28 -8.92
N LEU B 45 -35.82 -2.21 -8.49
CA LEU B 45 -35.12 -1.11 -7.85
C LEU B 45 -34.48 -1.57 -6.54
N GLN B 46 -35.22 -2.33 -5.76
CA GLN B 46 -34.69 -2.86 -4.52
C GLN B 46 -33.45 -3.68 -4.79
N VAL B 47 -33.55 -4.59 -5.74
CA VAL B 47 -32.40 -5.31 -6.27
C VAL B 47 -31.25 -4.40 -6.71
N PHE B 48 -31.55 -3.43 -7.58
CA PHE B 48 -30.54 -2.51 -8.11
C PHE B 48 -29.82 -1.76 -7.00
N LYS B 49 -30.53 -1.40 -5.93
CA LYS B 49 -29.89 -0.68 -4.85
C LYS B 49 -28.66 -1.45 -4.35
N TYR B 50 -28.59 -2.72 -4.74
CA TYR B 50 -27.59 -3.65 -4.23
C TYR B 50 -26.46 -3.94 -5.23
N LEU B 51 -26.49 -3.26 -6.38
CA LEU B 51 -25.49 -3.48 -7.41
C LEU B 51 -24.65 -2.22 -7.64
N PRO B 52 -23.33 -2.41 -7.86
CA PRO B 52 -22.49 -1.31 -8.32
C PRO B 52 -22.95 -0.81 -9.69
N LEU B 53 -22.41 0.31 -10.13
CA LEU B 53 -22.89 0.99 -11.32
C LEU B 53 -22.83 0.12 -12.57
N LEU B 54 -21.70 -0.55 -12.79
CA LEU B 54 -21.54 -1.28 -14.03
C LEU B 54 -22.45 -2.50 -14.07
N ASP B 55 -22.73 -3.05 -12.90
CA ASP B 55 -23.69 -4.15 -12.79
C ASP B 55 -25.13 -3.73 -13.05
N ARG B 56 -25.52 -2.56 -12.54
CA ARG B 56 -26.81 -1.96 -12.90
C ARG B 56 -26.91 -1.76 -14.41
N ALA B 57 -25.84 -1.21 -15.00
CA ALA B 57 -25.84 -0.91 -16.42
C ALA B 57 -26.12 -2.17 -17.21
N HIS B 58 -25.37 -3.23 -16.92
CA HIS B 58 -25.58 -4.50 -17.60
C HIS B 58 -26.99 -4.99 -17.30
N ALA B 59 -27.32 -5.03 -16.03
CA ALA B 59 -28.68 -5.35 -15.60
C ALA B 59 -29.72 -4.59 -16.42
N SER B 60 -29.55 -3.28 -16.55
CA SER B 60 -30.50 -2.47 -17.30
C SER B 60 -30.57 -2.86 -18.76
N GLN B 61 -29.64 -3.70 -19.22
CA GLN B 61 -29.69 -4.11 -20.62
C GLN B 61 -30.51 -5.38 -20.86
N VAL B 62 -30.82 -6.10 -19.77
CA VAL B 62 -31.52 -7.39 -19.88
C VAL B 62 -32.81 -7.32 -20.70
N CYS B 63 -33.61 -6.28 -20.47
CA CYS B 63 -34.89 -6.18 -21.14
C CYS B 63 -35.50 -4.80 -20.96
N ARG B 64 -36.46 -4.49 -21.82
CA ARG B 64 -37.15 -3.21 -21.80
C ARG B 64 -37.59 -2.80 -20.40
N ASN B 65 -38.16 -3.73 -19.66
CA ASN B 65 -38.75 -3.43 -18.36
C ASN B 65 -37.73 -3.10 -17.25
N TRP B 66 -36.59 -3.80 -17.26
CA TRP B 66 -35.54 -3.54 -16.30
C TRP B 66 -34.79 -2.24 -16.61
N ASN B 67 -34.60 -1.98 -17.90
CA ASN B 67 -33.87 -0.81 -18.36
C ASN B 67 -34.46 0.47 -17.77
N GLN B 68 -35.78 0.48 -17.62
CA GLN B 68 -36.50 1.64 -17.09
C GLN B 68 -36.21 1.89 -15.60
N VAL B 69 -35.52 0.96 -14.96
CA VAL B 69 -35.17 1.07 -13.55
C VAL B 69 -33.88 1.88 -13.35
N PHE B 70 -32.98 1.76 -14.32
CA PHE B 70 -31.65 2.35 -14.24
C PHE B 70 -31.65 3.84 -13.88
N HIS B 71 -32.49 4.62 -14.54
CA HIS B 71 -32.40 6.07 -14.36
C HIS B 71 -33.28 6.63 -13.23
N MET B 72 -33.74 5.77 -12.34
CA MET B 72 -34.60 6.20 -11.25
C MET B 72 -33.83 7.01 -10.19
N PRO B 73 -34.43 8.10 -9.69
CA PRO B 73 -33.76 9.02 -8.76
C PRO B 73 -33.10 8.34 -7.58
N ASP B 74 -33.66 7.25 -7.09
CA ASP B 74 -33.08 6.64 -5.90
C ASP B 74 -31.66 6.11 -6.15
N LEU B 75 -31.37 5.75 -7.40
CA LEU B 75 -30.05 5.27 -7.78
C LEU B 75 -29.09 6.41 -8.11
N TRP B 76 -29.52 7.66 -7.91
CA TRP B 76 -28.71 8.82 -8.27
C TRP B 76 -28.63 9.91 -7.21
N ARG B 77 -28.65 9.50 -5.95
CA ARG B 77 -28.52 10.48 -4.88
C ARG B 77 -27.05 10.79 -4.69
N CYS B 78 -26.24 9.95 -5.32
CA CYS B 78 -24.85 9.85 -4.92
C CYS B 78 -23.91 9.67 -6.10
N PHE B 79 -22.85 10.48 -6.14
CA PHE B 79 -21.86 10.32 -7.19
C PHE B 79 -20.51 10.94 -6.88
N GLU B 80 -19.47 10.20 -7.24
CA GLU B 80 -18.11 10.68 -7.10
C GLU B 80 -17.40 10.85 -8.45
N PHE B 81 -17.20 12.10 -8.83
CA PHE B 81 -16.57 12.44 -10.10
C PHE B 81 -15.05 12.25 -10.07
N GLU B 82 -14.52 11.44 -11.00
CA GLU B 82 -13.08 11.28 -11.12
C GLU B 82 -12.59 12.14 -12.26
N LEU B 83 -11.91 13.22 -11.91
CA LEU B 83 -11.31 14.09 -12.89
C LEU B 83 -9.81 13.87 -12.91
N ASN B 84 -9.33 13.15 -13.91
CA ASN B 84 -7.89 12.96 -14.03
C ASN B 84 -7.45 12.75 -15.46
N GLN B 85 -6.14 12.80 -15.68
CA GLN B 85 -5.58 12.86 -17.02
C GLN B 85 -4.42 11.89 -17.16
N PRO B 86 -4.31 11.21 -18.33
CA PRO B 86 -3.16 10.33 -18.59
C PRO B 86 -1.84 11.06 -18.36
N ALA B 87 -1.86 12.38 -18.46
CA ALA B 87 -0.65 13.16 -18.27
C ALA B 87 -0.10 12.94 -16.90
N THR B 88 -0.97 12.58 -15.98
CA THR B 88 -0.71 12.96 -14.61
C THR B 88 -1.32 11.91 -13.66
N SER B 89 -2.11 11.00 -14.23
CA SER B 89 -2.76 9.96 -13.44
C SER B 89 -2.59 8.55 -13.97
N TYR B 90 -2.37 7.60 -13.06
CA TYR B 90 -2.40 6.19 -13.44
C TYR B 90 -3.80 5.61 -13.47
N LEU B 91 -4.79 6.39 -13.06
CA LEU B 91 -6.17 5.87 -13.02
C LEU B 91 -7.00 6.22 -14.26
N LYS B 92 -8.32 6.16 -14.10
CA LYS B 92 -9.28 6.31 -15.17
C LYS B 92 -10.21 7.45 -14.80
N ALA B 93 -10.64 8.23 -15.79
CA ALA B 93 -11.58 9.31 -15.51
C ALA B 93 -13.02 8.85 -15.68
N THR B 94 -13.94 9.55 -15.03
CA THR B 94 -15.36 9.33 -15.27
C THR B 94 -15.60 9.65 -16.74
N HIS B 95 -16.38 8.82 -17.41
CA HIS B 95 -16.58 9.00 -18.85
C HIS B 95 -17.23 10.36 -19.14
N PRO B 96 -16.74 11.04 -20.18
CA PRO B 96 -17.22 12.40 -20.39
C PRO B 96 -18.71 12.37 -20.71
N GLU B 97 -19.15 11.32 -21.39
CA GLU B 97 -20.54 11.27 -21.79
C GLU B 97 -21.39 11.02 -20.58
N LEU B 98 -20.87 10.24 -19.64
CA LEU B 98 -21.58 9.97 -18.38
C LEU B 98 -21.78 11.25 -17.59
N ILE B 99 -20.77 12.10 -17.57
CA ILE B 99 -20.83 13.40 -16.91
C ILE B 99 -21.97 14.27 -17.46
N LYS B 100 -22.13 14.31 -18.77
CA LYS B 100 -23.20 15.07 -19.37
C LYS B 100 -24.56 14.52 -19.01
N GLN B 101 -24.69 13.22 -19.11
CA GLN B 101 -25.92 12.55 -18.74
C GLN B 101 -26.31 12.76 -17.28
N ILE B 102 -25.35 12.72 -16.35
CA ILE B 102 -25.65 12.91 -14.92
C ILE B 102 -26.27 14.29 -14.74
N ILE B 103 -25.59 15.29 -15.29
CA ILE B 103 -26.03 16.68 -15.19
C ILE B 103 -27.37 16.91 -15.87
N LYS B 104 -27.58 16.29 -17.04
CA LYS B 104 -28.85 16.46 -17.72
C LYS B 104 -30.02 15.75 -17.03
N ARG B 105 -29.76 14.56 -16.48
CA ARG B 105 -30.83 13.70 -15.97
C ARG B 105 -30.92 13.59 -14.47
N HIS B 106 -29.87 13.92 -13.72
CA HIS B 106 -29.93 13.69 -12.29
C HIS B 106 -29.47 14.89 -11.43
N SER B 107 -29.43 16.06 -12.06
CA SER B 107 -29.05 17.29 -11.36
C SER B 107 -29.95 17.51 -10.15
N ASN B 108 -31.19 17.03 -10.23
CA ASN B 108 -32.13 17.28 -9.14
C ASN B 108 -32.39 16.10 -8.25
N HIS B 109 -31.69 14.99 -8.53
CA HIS B 109 -31.70 13.81 -7.67
C HIS B 109 -30.44 13.79 -6.79
N LEU B 110 -29.40 14.45 -7.26
CA LEU B 110 -28.14 14.41 -6.55
C LEU B 110 -28.20 15.11 -5.20
N GLN B 111 -27.57 14.51 -4.19
CA GLN B 111 -27.54 15.10 -2.86
C GLN B 111 -26.17 14.93 -2.25
N TYR B 112 -25.46 13.92 -2.72
CA TYR B 112 -24.14 13.64 -2.20
C TYR B 112 -23.15 13.52 -3.36
N VAL B 113 -22.20 14.45 -3.40
CA VAL B 113 -21.32 14.59 -4.52
C VAL B 113 -19.91 14.88 -4.03
N SER B 114 -18.94 14.17 -4.59
CA SER B 114 -17.55 14.56 -4.39
C SER B 114 -16.81 14.59 -5.72
N PHE B 115 -15.75 15.38 -5.74
CA PHE B 115 -14.84 15.46 -6.87
C PHE B 115 -13.47 15.01 -6.40
N LYS B 116 -12.94 13.96 -7.00
CA LYS B 116 -11.53 13.60 -6.81
C LYS B 116 -10.75 14.22 -7.97
N VAL B 117 -9.83 15.12 -7.68
CA VAL B 117 -9.14 15.80 -8.77
C VAL B 117 -7.62 15.57 -8.68
N ASP B 118 -7.05 15.06 -9.77
CA ASP B 118 -5.61 14.81 -9.82
C ASP B 118 -4.81 16.08 -10.09
N SER B 119 -3.53 15.90 -10.39
CA SER B 119 -2.58 16.99 -10.41
C SER B 119 -2.77 18.04 -11.50
N SER B 120 -3.44 17.73 -12.60
CA SER B 120 -3.49 18.72 -13.68
C SER B 120 -4.55 19.83 -13.59
N LYS B 121 -4.15 21.04 -13.92
CA LYS B 121 -5.05 22.19 -14.00
C LYS B 121 -6.33 21.85 -14.77
N GLU B 122 -6.20 21.25 -15.93
CA GLU B 122 -7.38 20.92 -16.70
C GLU B 122 -8.39 20.10 -15.90
N SER B 123 -7.88 19.38 -14.89
CA SER B 123 -8.74 18.58 -14.03
C SER B 123 -9.52 19.47 -13.06
N ALA B 124 -8.82 20.34 -12.35
CA ALA B 124 -9.48 21.33 -11.50
C ALA B 124 -10.45 22.21 -12.32
N GLU B 125 -10.09 22.49 -13.57
CA GLU B 125 -10.98 23.27 -14.42
C GLU B 125 -12.24 22.51 -14.81
N ALA B 126 -12.09 21.22 -15.10
CA ALA B 126 -13.23 20.37 -15.36
C ALA B 126 -14.20 20.35 -14.15
N ALA B 127 -13.65 20.22 -12.94
CA ALA B 127 -14.48 20.20 -11.75
C ALA B 127 -15.32 21.48 -11.68
N CYS B 128 -14.67 22.62 -11.93
CA CYS B 128 -15.39 23.89 -11.92
C CYS B 128 -16.45 23.94 -13.00
N ASP B 129 -16.20 23.29 -14.12
CA ASP B 129 -17.12 23.34 -15.24
C ASP B 129 -18.36 22.56 -14.85
N ILE B 130 -18.20 21.63 -13.93
CA ILE B 130 -19.30 20.77 -13.55
C ILE B 130 -20.11 21.42 -12.43
N LEU B 131 -19.40 21.95 -11.45
CA LEU B 131 -20.02 22.73 -10.39
C LEU B 131 -20.91 23.84 -10.92
N SER B 132 -20.35 24.62 -11.84
CA SER B 132 -21.03 25.78 -12.38
C SER B 132 -22.35 25.42 -13.03
N GLN B 133 -22.58 24.13 -13.22
CA GLN B 133 -23.84 23.70 -13.84
C GLN B 133 -24.80 23.13 -12.82
N LEU B 134 -24.41 23.16 -11.55
CA LEU B 134 -25.27 22.56 -10.53
C LEU B 134 -26.24 23.58 -9.94
N VAL B 135 -27.10 24.13 -10.78
CA VAL B 135 -28.03 25.17 -10.38
C VAL B 135 -29.33 24.55 -9.88
N ASN B 136 -29.67 23.39 -10.43
CA ASN B 136 -30.86 22.67 -10.02
C ASN B 136 -30.57 21.65 -8.91
N CYS B 137 -29.36 21.71 -8.36
CA CYS B 137 -28.98 20.79 -7.32
C CYS B 137 -29.40 21.26 -5.95
N SER B 138 -29.82 20.31 -5.12
CA SER B 138 -29.87 20.61 -3.70
C SER B 138 -28.99 19.64 -2.90
N LEU B 139 -27.72 20.01 -2.76
CA LEU B 139 -26.73 19.15 -2.16
C LEU B 139 -26.69 19.23 -0.66
N LYS B 140 -26.72 18.07 -0.04
CA LYS B 140 -26.54 17.94 1.39
C LYS B 140 -25.05 17.92 1.71
N THR B 141 -24.28 17.31 0.83
CA THR B 141 -22.85 17.08 1.06
C THR B 141 -22.01 17.38 -0.16
N LEU B 142 -20.94 18.16 0.00
CA LEU B 142 -20.03 18.39 -1.11
C LEU B 142 -18.58 18.17 -0.71
N GLY B 143 -17.85 17.33 -1.43
CA GLY B 143 -16.43 17.14 -1.16
C GLY B 143 -15.56 17.47 -2.35
N LEU B 144 -14.52 18.27 -2.13
CA LEU B 144 -13.55 18.55 -3.18
C LEU B 144 -12.18 18.01 -2.80
N ILE B 145 -11.82 16.84 -3.34
CA ILE B 145 -10.59 16.14 -2.95
C ILE B 145 -9.45 16.29 -3.94
N SER B 146 -8.29 16.71 -3.45
CA SER B 146 -7.08 16.77 -4.28
C SER B 146 -6.20 15.52 -4.16
N THR B 147 -6.47 14.53 -5.02
CA THR B 147 -5.65 13.34 -5.21
C THR B 147 -4.13 13.51 -5.05
N ALA B 148 -3.58 14.60 -5.62
CA ALA B 148 -2.14 14.77 -5.72
C ALA B 148 -1.72 16.23 -5.53
N ARG B 149 -1.10 16.82 -6.55
CA ARG B 149 -0.77 18.23 -6.45
C ARG B 149 -2.06 19.05 -6.37
N PRO B 150 -2.08 20.11 -5.55
CA PRO B 150 -3.33 20.82 -5.29
C PRO B 150 -3.71 21.69 -6.48
N SER B 151 -4.32 21.08 -7.49
CA SER B 151 -4.57 21.76 -8.75
C SER B 151 -5.63 22.87 -8.69
N PHE B 152 -6.46 22.86 -7.66
CA PHE B 152 -7.40 23.96 -7.45
C PHE B 152 -6.66 25.27 -7.20
N MET B 153 -5.52 25.17 -6.55
CA MET B 153 -4.69 26.34 -6.28
C MET B 153 -4.08 26.89 -7.55
N ASP B 154 -4.04 26.06 -8.59
CA ASP B 154 -3.53 26.48 -9.90
C ASP B 154 -4.55 27.32 -10.70
N LEU B 155 -5.80 27.30 -10.28
CA LEU B 155 -6.81 28.09 -10.94
C LEU B 155 -6.67 29.53 -10.51
N PRO B 156 -7.12 30.46 -11.36
CA PRO B 156 -7.34 31.83 -10.90
C PRO B 156 -8.38 31.77 -9.80
N LYS B 157 -8.19 32.52 -8.72
CA LYS B 157 -9.08 32.47 -7.55
C LYS B 157 -10.55 32.57 -7.90
N SER B 158 -10.90 33.61 -8.66
CA SER B 158 -12.28 33.96 -8.94
C SER B 158 -12.98 32.92 -9.80
N HIS B 159 -12.22 32.19 -10.59
CA HIS B 159 -12.84 31.14 -11.37
C HIS B 159 -13.31 30.04 -10.42
N PHE B 160 -12.45 29.69 -9.46
CA PHE B 160 -12.82 28.68 -8.48
C PHE B 160 -14.01 29.18 -7.67
N ILE B 161 -13.87 30.38 -7.10
CA ILE B 161 -14.92 30.89 -6.22
C ILE B 161 -16.27 30.89 -6.92
N SER B 162 -16.25 31.38 -8.15
CA SER B 162 -17.46 31.53 -8.93
C SER B 162 -18.17 30.20 -9.06
N ALA B 163 -17.42 29.13 -9.31
CA ALA B 163 -18.00 27.80 -9.49
C ALA B 163 -18.56 27.25 -8.18
N LEU B 164 -17.80 27.42 -7.11
CA LEU B 164 -18.21 26.96 -5.78
C LEU B 164 -19.49 27.67 -5.39
N THR B 165 -19.56 28.94 -5.78
CA THR B 165 -20.66 29.78 -5.38
C THR B 165 -21.99 29.19 -5.84
N VAL B 166 -22.01 28.65 -7.05
CA VAL B 166 -23.22 28.02 -7.55
C VAL B 166 -23.79 27.01 -6.56
N VAL B 167 -22.93 26.37 -5.77
CA VAL B 167 -23.40 25.42 -4.78
C VAL B 167 -23.86 26.12 -3.51
N PHE B 168 -23.06 27.07 -3.04
CA PHE B 168 -23.42 27.83 -1.84
C PHE B 168 -24.79 28.45 -1.97
N VAL B 169 -25.02 29.10 -3.10
CA VAL B 169 -26.27 29.76 -3.36
C VAL B 169 -27.44 28.79 -3.55
N ASN B 170 -27.29 27.83 -4.45
CA ASN B 170 -28.44 27.02 -4.87
C ASN B 170 -28.77 25.82 -3.98
N SER B 171 -27.82 25.40 -3.17
CA SER B 171 -28.08 24.31 -2.23
C SER B 171 -28.46 24.87 -0.87
N LYS B 172 -29.73 24.68 -0.50
CA LYS B 172 -30.23 25.34 0.69
C LYS B 172 -30.11 24.46 1.92
N SER B 173 -29.74 23.21 1.71
CA SER B 173 -29.73 22.25 2.80
C SER B 173 -28.33 21.68 3.02
N LEU B 174 -27.30 22.46 2.73
CA LEU B 174 -25.94 21.94 2.72
C LEU B 174 -25.41 21.52 4.10
N SER B 175 -25.18 20.23 4.32
CA SER B 175 -24.69 19.71 5.62
C SER B 175 -23.17 19.69 5.79
N SER B 176 -22.46 19.06 4.86
CA SER B 176 -21.00 18.96 4.94
C SER B 176 -20.32 19.61 3.77
N LEU B 177 -19.10 20.04 4.03
CA LEU B 177 -18.30 20.71 3.06
C LEU B 177 -16.84 20.38 3.35
N LYS B 178 -16.22 19.63 2.44
CA LYS B 178 -14.79 19.28 2.52
C LYS B 178 -14.04 20.03 1.43
N ILE B 179 -13.16 20.95 1.83
CA ILE B 179 -12.73 22.04 0.98
C ILE B 179 -11.23 22.29 1.15
N ASP B 180 -10.52 21.24 1.55
CA ASP B 180 -9.05 21.28 1.74
C ASP B 180 -8.30 21.69 0.48
N ASP B 181 -7.17 22.37 0.67
CA ASP B 181 -6.28 22.66 -0.45
C ASP B 181 -7.01 23.45 -1.51
N THR B 182 -7.80 24.39 -1.03
CA THR B 182 -8.73 25.14 -1.84
C THR B 182 -8.52 26.64 -1.60
N PRO B 183 -8.63 27.45 -2.68
CA PRO B 183 -8.39 28.89 -2.61
C PRO B 183 -9.57 29.72 -2.18
N VAL B 184 -10.55 29.13 -1.51
CA VAL B 184 -11.67 29.87 -0.95
C VAL B 184 -11.15 31.00 -0.08
N ASP B 185 -11.98 32.03 0.07
CA ASP B 185 -11.57 33.27 0.74
C ASP B 185 -12.63 33.69 1.77
N ASP B 186 -12.35 34.73 2.52
CA ASP B 186 -13.33 35.20 3.49
C ASP B 186 -14.68 35.51 2.85
N PRO B 187 -14.72 36.37 1.81
CA PRO B 187 -15.99 36.75 1.18
C PRO B 187 -16.90 35.56 0.85
N SER B 188 -16.36 34.52 0.22
CA SER B 188 -17.13 33.33 -0.16
C SER B 188 -17.71 32.57 1.04
N LEU B 189 -16.96 32.57 2.14
CA LEU B 189 -17.47 31.97 3.38
C LEU B 189 -18.70 32.70 3.87
N LYS B 190 -18.74 34.01 3.67
CA LYS B 190 -19.91 34.79 4.06
C LYS B 190 -21.10 34.42 3.18
N VAL B 191 -20.83 34.15 1.91
CA VAL B 191 -21.89 33.67 1.03
C VAL B 191 -22.36 32.33 1.56
N LEU B 192 -21.39 31.52 1.97
CA LEU B 192 -21.68 30.21 2.52
C LEU B 192 -22.60 30.32 3.73
N VAL B 193 -22.16 31.10 4.72
CA VAL B 193 -22.88 31.34 5.96
C VAL B 193 -24.27 31.90 5.70
N ALA B 194 -24.30 33.00 4.97
CA ALA B 194 -25.54 33.63 4.57
C ALA B 194 -26.52 32.69 3.86
N ASN B 195 -26.04 31.52 3.44
CA ASN B 195 -26.86 30.61 2.64
C ASN B 195 -27.31 29.34 3.34
N ASN B 196 -26.41 28.75 4.15
CA ASN B 196 -26.69 27.45 4.77
C ASN B 196 -26.33 27.38 6.25
N SER B 197 -26.28 28.52 6.92
CA SER B 197 -25.91 28.58 8.33
C SER B 197 -26.90 27.81 9.19
N ASP B 198 -28.04 27.49 8.62
CA ASP B 198 -29.03 26.74 9.37
C ASP B 198 -28.79 25.26 9.20
N THR B 199 -27.81 24.91 8.36
CA THR B 199 -27.62 23.53 7.96
C THR B 199 -26.22 22.96 8.23
N LEU B 200 -25.20 23.79 8.01
CA LEU B 200 -23.82 23.36 8.04
C LEU B 200 -23.42 22.61 9.32
N LYS B 201 -22.88 21.39 9.18
CA LYS B 201 -22.47 20.57 10.31
C LYS B 201 -20.98 20.15 10.26
N LEU B 202 -20.54 19.74 9.07
CA LEU B 202 -19.14 19.43 8.80
C LEU B 202 -18.52 20.56 8.01
N LEU B 203 -17.34 20.98 8.42
CA LEU B 203 -16.52 21.90 7.63
C LEU B 203 -15.07 21.44 7.71
N LYS B 204 -14.56 20.92 6.61
CA LYS B 204 -13.16 20.53 6.59
C LYS B 204 -12.47 21.43 5.60
N MET B 205 -11.47 22.14 6.08
CA MET B 205 -10.85 23.16 5.25
C MET B 205 -9.47 23.53 5.75
N SER B 206 -8.57 22.56 5.71
CA SER B 206 -7.20 22.78 6.14
C SER B 206 -6.35 23.04 4.93
N SER B 207 -5.27 23.79 5.14
CA SER B 207 -4.42 24.21 4.03
C SER B 207 -5.16 25.13 3.05
N CYS B 208 -6.01 26.02 3.58
CA CYS B 208 -6.72 27.02 2.78
C CYS B 208 -6.17 28.43 3.03
N PRO B 209 -5.14 28.80 2.27
CA PRO B 209 -4.29 29.97 2.43
C PRO B 209 -5.01 31.32 2.46
N HIS B 210 -6.17 31.47 1.81
CA HIS B 210 -6.81 32.79 1.74
C HIS B 210 -7.96 32.96 2.71
N VAL B 211 -7.90 32.24 3.81
CA VAL B 211 -8.83 32.47 4.90
C VAL B 211 -8.05 32.88 6.14
N SER B 212 -8.40 34.03 6.69
CA SER B 212 -7.69 34.62 7.82
C SER B 212 -8.50 34.34 9.07
N PRO B 213 -7.83 34.36 10.23
CA PRO B 213 -8.50 34.05 11.50
C PRO B 213 -9.79 34.84 11.57
N ALA B 214 -9.70 36.10 11.17
CA ALA B 214 -10.86 36.97 11.13
C ALA B 214 -11.92 36.31 10.26
N GLY B 215 -11.46 35.65 9.21
CA GLY B 215 -12.32 34.93 8.30
C GLY B 215 -13.18 33.84 8.92
N ILE B 216 -12.57 32.82 9.53
CA ILE B 216 -13.37 31.69 10.01
C ILE B 216 -14.38 32.10 11.04
N LEU B 217 -13.96 33.03 11.91
CA LEU B 217 -14.77 33.49 13.02
C LEU B 217 -16.25 33.66 12.66
N CYS B 218 -16.51 34.27 11.51
CA CYS B 218 -17.86 34.47 11.01
C CYS B 218 -18.61 33.13 10.89
N VAL B 219 -17.89 32.08 10.54
CA VAL B 219 -18.48 30.77 10.33
C VAL B 219 -18.86 30.16 11.67
N ALA B 220 -17.91 30.16 12.58
CA ALA B 220 -18.09 29.61 13.91
C ALA B 220 -19.27 30.30 14.58
N ASP B 221 -19.27 31.61 14.40
CA ASP B 221 -20.25 32.50 14.99
C ASP B 221 -21.66 32.26 14.47
N GLN B 222 -21.84 32.28 13.16
CA GLN B 222 -23.19 32.23 12.62
C GLN B 222 -23.78 30.83 12.49
N CYS B 223 -22.93 29.83 12.32
CA CYS B 223 -23.43 28.48 12.05
C CYS B 223 -23.56 27.69 13.33
N HIS B 224 -24.75 27.72 13.90
CA HIS B 224 -24.91 27.21 15.24
C HIS B 224 -24.86 25.70 15.32
N GLY B 225 -24.84 25.03 14.16
CA GLY B 225 -24.94 23.59 14.14
C GLY B 225 -23.62 22.87 13.94
N LEU B 226 -22.54 23.63 13.84
CA LEU B 226 -21.23 23.11 13.51
C LEU B 226 -20.74 22.02 14.45
N ARG B 227 -20.90 20.76 14.04
CA ARG B 227 -20.52 19.63 14.87
C ARG B 227 -19.05 19.26 14.75
N GLU B 228 -18.42 19.60 13.62
CA GLU B 228 -17.01 19.27 13.47
C GLU B 228 -16.30 20.08 12.41
N LEU B 229 -15.03 20.32 12.66
CA LEU B 229 -14.31 21.33 11.94
C LEU B 229 -12.82 20.98 11.91
N ALA B 230 -12.20 21.03 10.74
CA ALA B 230 -10.79 20.73 10.66
C ALA B 230 -10.11 21.92 10.04
N LEU B 231 -9.04 22.41 10.65
CA LEU B 231 -8.35 23.54 10.07
C LEU B 231 -6.93 23.72 10.53
N ASN B 232 -6.17 24.58 9.87
CA ASN B 232 -4.76 24.78 10.25
C ASN B 232 -4.71 25.49 11.59
N TYR B 233 -3.66 25.23 12.36
CA TYR B 233 -3.46 25.88 13.65
C TYR B 233 -3.47 27.40 13.55
N HIS B 234 -2.79 27.93 12.55
CA HIS B 234 -2.71 29.38 12.32
C HIS B 234 -4.07 30.09 12.45
N LEU B 235 -5.16 29.40 12.11
CA LEU B 235 -6.49 30.00 12.21
C LEU B 235 -7.19 29.63 13.51
N LEU B 236 -6.45 28.99 14.41
CA LEU B 236 -7.00 28.64 15.71
C LEU B 236 -6.75 29.75 16.73
N SER B 237 -7.84 30.34 17.21
CA SER B 237 -7.76 31.49 18.11
C SER B 237 -8.64 31.36 19.34
N ASP B 238 -8.28 32.07 20.40
CA ASP B 238 -9.11 32.12 21.61
C ASP B 238 -10.53 32.51 21.21
N GLU B 239 -10.62 33.48 20.30
CA GLU B 239 -11.90 33.98 19.85
C GLU B 239 -12.69 32.85 19.21
N LEU B 240 -11.99 32.02 18.44
CA LEU B 240 -12.60 30.90 17.74
C LEU B 240 -13.09 29.85 18.73
N LEU B 241 -12.21 29.46 19.65
CA LEU B 241 -12.56 28.48 20.67
C LEU B 241 -13.77 28.98 21.45
N LEU B 242 -13.75 30.25 21.82
CA LEU B 242 -14.85 30.84 22.58
C LEU B 242 -16.11 30.93 21.75
N ALA B 243 -15.96 31.36 20.49
CA ALA B 243 -17.09 31.34 19.58
C ALA B 243 -17.70 29.92 19.53
N LEU B 244 -16.87 28.91 19.79
CA LEU B 244 -17.36 27.53 19.75
C LEU B 244 -17.80 26.97 21.10
N SER B 245 -17.26 27.54 22.18
CA SER B 245 -17.73 27.22 23.53
C SER B 245 -19.06 27.92 23.86
N SER B 246 -19.44 28.91 23.05
CA SER B 246 -20.60 29.75 23.33
C SER B 246 -21.89 28.99 23.67
N GLU B 247 -22.91 29.75 24.05
CA GLU B 247 -24.19 29.21 24.52
C GLU B 247 -25.12 28.82 23.37
N LYS B 248 -25.22 29.71 22.39
CA LYS B 248 -26.06 29.50 21.21
C LYS B 248 -25.70 28.20 20.51
N HIS B 249 -24.46 27.79 20.73
CA HIS B 249 -23.80 26.79 19.90
C HIS B 249 -24.16 25.37 20.32
N VAL B 250 -24.22 24.48 19.34
CA VAL B 250 -24.42 23.06 19.61
C VAL B 250 -23.15 22.48 20.21
N ARG B 251 -23.20 21.22 20.60
CA ARG B 251 -22.04 20.62 21.24
C ARG B 251 -21.15 20.05 20.15
N LEU B 252 -19.88 20.44 20.12
CA LEU B 252 -18.96 19.87 19.15
C LEU B 252 -18.67 18.39 19.38
N GLU B 253 -18.65 17.62 18.29
CA GLU B 253 -18.33 16.19 18.34
C GLU B 253 -16.91 15.92 17.93
N HIS B 254 -16.29 16.88 17.23
CA HIS B 254 -15.00 16.68 16.54
C HIS B 254 -14.33 17.98 16.11
N LEU B 255 -13.12 18.22 16.61
CA LEU B 255 -12.37 19.37 16.18
C LEU B 255 -10.97 18.94 15.82
N ARG B 256 -10.54 19.15 14.58
CA ARG B 256 -9.23 18.66 14.16
C ARG B 256 -8.30 19.79 13.81
N ILE B 257 -7.08 19.75 14.34
CA ILE B 257 -6.16 20.82 14.11
C ILE B 257 -4.91 20.29 13.49
N ASP B 258 -4.46 20.94 12.44
CA ASP B 258 -3.15 20.65 11.90
C ASP B 258 -2.17 21.74 12.32
N VAL B 259 -0.99 21.31 12.76
CA VAL B 259 0.09 22.22 13.15
C VAL B 259 1.27 21.96 12.24
N VAL B 260 1.51 22.86 11.29
CA VAL B 260 2.54 22.61 10.29
C VAL B 260 3.63 23.67 10.29
N SER B 261 4.87 23.22 10.17
CA SER B 261 6.02 24.10 10.04
C SER B 261 6.17 24.51 8.58
N GLU B 262 5.34 25.49 8.21
CA GLU B 262 5.02 25.85 6.81
C GLU B 262 6.09 26.68 6.09
N ASN B 263 7.09 27.16 6.82
CA ASN B 263 8.08 28.04 6.22
C ASN B 263 9.55 27.78 6.67
N PRO B 264 10.11 28.65 7.56
CA PRO B 264 11.55 28.53 7.78
C PRO B 264 11.92 27.46 8.81
N GLY B 265 13.22 27.25 8.99
CA GLY B 265 13.75 26.18 9.83
C GLY B 265 13.40 26.20 11.30
N GLN B 266 12.59 27.18 11.72
CA GLN B 266 12.18 27.28 13.14
C GLN B 266 11.18 28.41 13.38
N THR B 267 9.91 28.18 13.09
CA THR B 267 8.90 29.22 13.24
C THR B 267 8.28 29.26 14.65
N HIS B 268 7.81 30.44 15.06
CA HIS B 268 7.33 30.66 16.43
C HIS B 268 5.82 30.79 16.52
N PHE B 269 5.16 29.69 16.82
CA PHE B 269 3.70 29.68 16.87
C PHE B 269 3.12 30.48 18.00
N HIS B 270 1.94 31.03 17.73
CA HIS B 270 1.17 31.77 18.71
C HIS B 270 0.57 30.86 19.79
N THR B 271 -0.04 31.48 20.77
CA THR B 271 -0.49 30.76 21.95
C THR B 271 -1.95 31.00 22.25
N ILE B 272 -2.66 29.92 22.59
CA ILE B 272 -4.03 30.05 23.05
C ILE B 272 -4.01 30.13 24.58
N GLN B 273 -4.91 30.95 25.12
CA GLN B 273 -5.08 31.04 26.56
C GLN B 273 -5.81 29.82 27.10
N LYS B 274 -5.21 29.16 28.08
CA LYS B 274 -5.84 28.00 28.72
C LYS B 274 -7.31 28.28 29.03
N SER B 275 -7.62 29.55 29.27
CA SER B 275 -8.97 29.98 29.54
C SER B 275 -9.89 29.54 28.42
N SER B 276 -9.37 29.50 27.20
CA SER B 276 -10.16 29.16 26.04
C SER B 276 -10.38 27.65 25.97
N TRP B 277 -9.31 26.92 26.18
CA TRP B 277 -9.41 25.48 26.16
C TRP B 277 -10.39 24.99 27.23
N ASP B 278 -10.32 25.59 28.42
CA ASP B 278 -11.15 25.10 29.55
C ASP B 278 -12.63 25.38 29.32
N ALA B 279 -12.91 26.46 28.59
CA ALA B 279 -14.27 26.88 28.31
C ALA B 279 -14.85 25.90 27.34
N PHE B 280 -13.93 25.32 26.55
CA PHE B 280 -14.24 24.51 25.39
C PHE B 280 -14.70 23.09 25.77
N ILE B 281 -13.97 22.44 26.69
CA ILE B 281 -14.42 21.12 27.18
C ILE B 281 -15.67 21.27 28.00
N ARG B 282 -15.79 22.42 28.66
CA ARG B 282 -16.95 22.66 29.50
C ARG B 282 -18.20 22.58 28.67
N HIS B 283 -18.18 23.24 27.52
CA HIS B 283 -19.36 23.29 26.68
C HIS B 283 -19.57 21.97 25.95
N SER B 284 -18.48 21.29 25.63
CA SER B 284 -18.53 20.06 24.83
C SER B 284 -17.62 19.01 25.42
N PRO B 285 -18.15 18.21 26.35
CA PRO B 285 -17.38 17.40 27.28
C PRO B 285 -17.04 16.02 26.72
N LYS B 286 -17.67 15.63 25.63
CA LYS B 286 -17.35 14.37 24.97
C LYS B 286 -16.61 14.65 23.67
N VAL B 287 -16.35 15.92 23.42
CA VAL B 287 -15.65 16.33 22.22
C VAL B 287 -14.37 15.53 21.99
N ASN B 288 -14.11 15.21 20.73
CA ASN B 288 -12.82 14.68 20.32
C ASN B 288 -11.95 15.80 19.79
N LEU B 289 -10.73 15.88 20.30
CA LEU B 289 -9.81 16.91 19.89
C LEU B 289 -8.58 16.25 19.25
N VAL B 290 -8.62 16.10 17.92
CA VAL B 290 -7.52 15.51 17.18
C VAL B 290 -6.50 16.59 16.80
N MET B 291 -5.25 16.34 17.13
CA MET B 291 -4.15 17.24 16.84
C MET B 291 -3.02 16.53 16.14
N TYR B 292 -2.73 16.92 14.90
CA TYR B 292 -1.55 16.41 14.21
C TYR B 292 -0.47 17.48 14.15
N PHE B 293 0.72 17.14 14.63
CA PHE B 293 1.84 18.06 14.59
C PHE B 293 2.85 17.65 13.56
N PHE B 294 3.26 18.57 12.68
CA PHE B 294 4.42 18.33 11.84
C PHE B 294 5.53 19.34 12.09
N LEU B 295 6.09 19.33 13.30
CA LEU B 295 7.08 20.34 13.72
C LEU B 295 8.49 19.79 13.81
N TYR B 296 9.47 20.69 13.89
CA TYR B 296 10.88 20.28 13.90
C TYR B 296 11.34 20.12 15.32
N GLU B 297 12.63 20.38 15.50
CA GLU B 297 13.19 20.61 16.82
C GLU B 297 12.21 21.51 17.58
N GLU B 298 12.28 21.49 18.89
CA GLU B 298 11.35 22.27 19.72
C GLU B 298 10.91 23.61 19.11
N GLU B 299 10.00 23.52 18.14
CA GLU B 299 9.09 24.61 17.83
C GLU B 299 7.90 24.40 18.74
N PHE B 300 8.07 23.51 19.72
CA PHE B 300 6.97 23.02 20.52
C PHE B 300 6.68 23.88 21.75
N ASP B 301 7.57 24.82 22.05
CA ASP B 301 7.45 25.61 23.27
C ASP B 301 6.04 26.06 23.64
N PRO B 302 5.26 26.53 22.67
CA PRO B 302 3.96 27.01 23.13
C PRO B 302 2.97 25.89 23.45
N PHE B 303 3.39 24.64 23.38
CA PHE B 303 2.40 23.58 23.18
C PHE B 303 1.84 22.75 24.36
N PHE B 304 2.69 22.11 25.13
CA PHE B 304 2.12 21.28 26.18
C PHE B 304 2.51 21.80 27.54
N ARG B 305 1.82 22.87 27.90
CA ARG B 305 2.21 23.72 29.00
C ARG B 305 1.12 23.72 30.07
N TYR B 306 -0.05 23.22 29.72
CA TYR B 306 -1.12 23.04 30.70
C TYR B 306 -2.13 22.02 30.23
N GLU B 307 -3.01 21.58 31.12
CA GLU B 307 -4.06 20.65 30.77
C GLU B 307 -4.87 21.07 29.53
N ILE B 308 -4.76 20.27 28.46
CA ILE B 308 -5.58 20.40 27.25
C ILE B 308 -6.52 19.22 27.22
N PRO B 309 -7.67 19.40 26.58
CA PRO B 309 -8.65 18.31 26.42
C PRO B 309 -8.33 17.41 25.23
N ALA B 310 -7.06 17.41 24.82
CA ALA B 310 -6.62 16.65 23.64
C ALA B 310 -6.97 15.18 23.78
N THR B 311 -7.33 14.58 22.67
CA THR B 311 -7.90 13.27 22.72
C THR B 311 -7.18 12.33 21.74
N HIS B 312 -6.72 12.89 20.61
CA HIS B 312 -5.99 12.14 19.59
C HIS B 312 -4.74 12.90 19.15
N LEU B 313 -3.58 12.25 19.13
CA LEU B 313 -2.34 12.94 18.80
C LEU B 313 -1.50 12.20 17.76
N TYR B 314 -0.98 12.93 16.79
CA TYR B 314 -0.01 12.40 15.85
C TYR B 314 1.16 13.33 15.72
N PHE B 315 2.37 12.80 15.92
CA PHE B 315 3.59 13.54 15.65
C PHE B 315 4.17 13.01 14.35
N GLY B 316 3.90 13.75 13.29
CA GLY B 316 4.22 13.32 11.95
C GLY B 316 5.61 13.72 11.54
N ARG B 317 6.34 14.39 12.42
CA ARG B 317 7.67 14.81 12.06
C ARG B 317 8.72 14.29 13.03
N SER B 318 8.67 14.80 14.26
CA SER B 318 9.60 14.36 15.30
C SER B 318 9.19 15.01 16.61
N VAL B 319 9.48 14.32 17.72
CA VAL B 319 9.11 14.83 19.04
C VAL B 319 10.27 14.75 20.03
N SER B 320 10.19 15.61 21.04
CA SER B 320 11.21 15.70 22.06
C SER B 320 10.81 14.82 23.22
N LYS B 321 11.80 14.25 23.89
CA LYS B 321 11.54 13.54 25.14
C LYS B 321 10.82 14.49 26.12
N ASP B 322 11.35 15.70 26.26
CA ASP B 322 10.78 16.74 27.12
C ASP B 322 9.32 17.03 26.79
N VAL B 323 9.01 17.17 25.50
CA VAL B 323 7.62 17.44 25.10
C VAL B 323 6.76 16.24 25.45
N LEU B 324 7.27 15.05 25.20
CA LEU B 324 6.51 13.84 25.46
C LEU B 324 6.20 13.72 26.94
N GLY B 325 7.17 14.06 27.78
CA GLY B 325 6.91 14.20 29.21
C GLY B 325 5.75 15.15 29.50
N ARG B 326 5.75 16.29 28.82
CA ARG B 326 4.70 17.30 29.01
C ARG B 326 3.35 16.84 28.46
N VAL B 327 3.38 15.93 27.48
CA VAL B 327 2.17 15.30 27.03
C VAL B 327 1.59 14.48 28.16
N GLY B 328 2.44 13.67 28.80
CA GLY B 328 2.03 12.86 29.93
C GLY B 328 1.33 13.69 30.99
N MET B 329 2.01 14.78 31.39
CA MET B 329 1.53 15.67 32.44
C MET B 329 0.31 16.51 32.08
N THR B 330 -0.22 16.35 30.89
CA THR B 330 -1.07 17.41 30.34
C THR B 330 -2.35 16.94 29.67
N CYS B 331 -2.44 15.65 29.39
CA CYS B 331 -3.43 15.13 28.47
C CYS B 331 -4.24 13.97 29.03
N PRO B 332 -4.91 14.21 30.15
CA PRO B 332 -5.66 13.14 30.78
C PRO B 332 -6.72 12.53 29.85
N ARG B 333 -6.91 13.10 28.66
CA ARG B 333 -7.91 12.54 27.75
C ARG B 333 -7.36 11.74 26.56
N LEU B 334 -6.05 11.64 26.44
CA LEU B 334 -5.44 10.84 25.38
C LEU B 334 -6.12 9.51 25.21
N VAL B 335 -6.52 9.21 23.98
CA VAL B 335 -7.10 7.93 23.63
C VAL B 335 -6.09 7.27 22.71
N GLU B 336 -5.68 7.99 21.66
CA GLU B 336 -4.64 7.51 20.75
C GLU B 336 -3.43 8.42 20.74
N LEU B 337 -2.26 7.83 20.63
CA LEU B 337 -1.04 8.61 20.56
C LEU B 337 -0.07 7.94 19.57
N VAL B 338 0.29 8.66 18.52
CA VAL B 338 1.19 8.09 17.52
C VAL B 338 2.39 9.00 17.34
N VAL B 339 3.57 8.42 17.45
CA VAL B 339 4.80 9.18 17.30
C VAL B 339 5.58 8.52 16.20
N CYS B 340 5.95 9.26 15.16
CA CYS B 340 6.71 8.62 14.10
C CYS B 340 8.23 8.64 14.34
N ALA B 341 8.70 9.56 15.18
CA ALA B 341 10.12 9.62 15.55
C ALA B 341 10.36 10.52 16.77
N ASN B 342 11.44 10.27 17.51
CA ASN B 342 11.80 11.11 18.66
C ASN B 342 13.26 11.51 18.76
N GLY B 343 14.14 10.53 18.62
CA GLY B 343 15.55 10.78 18.81
C GLY B 343 16.33 9.75 19.61
N LEU B 344 16.96 10.20 20.70
CA LEU B 344 18.09 9.46 21.27
C LEU B 344 17.78 8.82 22.61
N ARG B 345 17.33 9.65 23.53
CA ARG B 345 17.12 9.21 24.90
C ARG B 345 15.99 8.20 24.99
N PRO B 346 16.25 7.07 25.65
CA PRO B 346 15.19 6.10 25.92
C PRO B 346 14.07 6.77 26.69
N LEU B 347 12.85 6.54 26.24
CA LEU B 347 11.65 7.19 26.75
C LEU B 347 10.93 6.43 27.88
N ASP B 348 11.60 5.42 28.44
CA ASP B 348 11.13 4.64 29.58
C ASP B 348 10.15 5.34 30.53
N GLU B 349 10.46 6.54 30.96
CA GLU B 349 9.66 7.23 31.97
C GLU B 349 8.45 7.95 31.37
N GLU B 350 8.56 8.32 30.10
CA GLU B 350 7.50 9.04 29.42
C GLU B 350 6.33 8.10 29.12
N LEU B 351 6.67 6.89 28.71
CA LEU B 351 5.65 5.87 28.44
C LEU B 351 4.98 5.45 29.74
N ILE B 352 5.77 5.37 30.80
CA ILE B 352 5.25 4.98 32.10
C ILE B 352 4.30 6.03 32.66
N ARG B 353 4.70 7.29 32.57
CA ARG B 353 3.83 8.38 33.01
C ARG B 353 2.54 8.44 32.24
N ILE B 354 2.60 8.17 30.94
CA ILE B 354 1.39 8.26 30.13
C ILE B 354 0.40 7.14 30.48
N ALA B 355 0.94 5.94 30.71
CA ALA B 355 0.12 4.82 31.19
C ALA B 355 -0.54 5.22 32.49
N GLU B 356 0.21 6.01 33.26
CA GLU B 356 -0.20 6.47 34.56
C GLU B 356 -1.35 7.49 34.49
N ARG B 357 -1.15 8.55 33.72
CA ARG B 357 -2.06 9.70 33.76
C ARG B 357 -3.16 9.69 32.69
N CYS B 358 -2.98 8.88 31.64
CA CYS B 358 -3.99 8.80 30.59
C CYS B 358 -4.80 7.53 30.72
N LYS B 359 -5.73 7.51 31.65
CA LYS B 359 -6.39 6.26 31.96
C LYS B 359 -7.29 5.84 30.81
N ASN B 360 -7.39 6.71 29.81
CA ASN B 360 -8.24 6.44 28.67
C ASN B 360 -7.51 5.98 27.40
N LEU B 361 -6.20 5.79 27.52
CA LEU B 361 -5.34 5.42 26.41
C LEU B 361 -5.70 4.05 25.87
N SER B 362 -6.19 3.96 24.63
CA SER B 362 -6.53 2.67 24.03
C SER B 362 -5.59 2.25 22.91
N ALA B 363 -4.81 3.19 22.39
CA ALA B 363 -4.10 2.92 21.15
C ALA B 363 -2.82 3.69 21.13
N ILE B 364 -1.73 3.03 20.76
CA ILE B 364 -0.42 3.66 20.85
C ILE B 364 0.51 3.11 19.77
N GLY B 365 1.22 4.03 19.10
CA GLY B 365 2.16 3.68 18.04
C GLY B 365 3.47 4.45 18.14
N LEU B 366 4.59 3.76 17.93
CA LEU B 366 5.92 4.35 18.09
C LEU B 366 6.91 3.79 17.08
N GLY B 367 7.59 4.68 16.36
CA GLY B 367 8.71 4.29 15.53
C GLY B 367 9.86 5.18 15.86
N GLU B 368 11.06 4.80 15.42
CA GLU B 368 12.22 5.70 15.43
C GLU B 368 12.47 6.36 16.78
N CYS B 369 12.44 5.56 17.84
CA CYS B 369 12.85 5.98 19.16
C CYS B 369 13.27 4.76 19.98
N GLU B 370 13.42 4.94 21.29
CA GLU B 370 13.94 3.88 22.13
C GLU B 370 13.16 3.73 23.43
N VAL B 371 12.95 2.48 23.84
CA VAL B 371 12.37 2.13 25.13
C VAL B 371 12.97 0.83 25.60
N SER B 372 13.49 0.79 26.82
CA SER B 372 13.99 -0.48 27.36
C SER B 372 12.88 -1.52 27.36
N CYS B 373 13.26 -2.78 27.14
CA CYS B 373 12.29 -3.87 27.16
C CYS B 373 11.57 -3.86 28.48
N SER B 374 12.34 -3.71 29.56
CA SER B 374 11.79 -3.76 30.89
C SER B 374 10.72 -2.70 31.09
N ALA B 375 11.02 -1.48 30.68
CA ALA B 375 10.08 -0.38 30.80
C ALA B 375 8.85 -0.60 29.94
N PHE B 376 9.06 -1.11 28.72
CA PHE B 376 7.95 -1.37 27.82
C PHE B 376 7.00 -2.41 28.44
N VAL B 377 7.56 -3.44 29.05
CA VAL B 377 6.75 -4.45 29.71
C VAL B 377 5.99 -3.81 30.86
N GLU B 378 6.70 -3.01 31.64
CA GLU B 378 6.08 -2.30 32.75
C GLU B 378 4.93 -1.45 32.21
N PHE B 379 5.14 -0.88 31.03
CA PHE B 379 4.11 -0.10 30.38
C PHE B 379 2.86 -0.92 30.09
N VAL B 380 3.01 -2.08 29.45
CA VAL B 380 1.87 -2.89 29.04
C VAL B 380 1.16 -3.56 30.20
N LYS B 381 1.90 -3.83 31.27
CA LYS B 381 1.28 -4.33 32.48
C LYS B 381 0.20 -3.37 32.95
N MET B 382 0.49 -2.07 32.94
CA MET B 382 -0.43 -1.03 33.43
C MET B 382 -1.70 -0.86 32.60
N CYS B 383 -1.57 -0.41 31.35
CA CYS B 383 -2.77 -0.26 30.52
C CYS B 383 -3.23 -1.63 30.03
N GLY B 384 -2.41 -2.26 29.19
CA GLY B 384 -2.51 -3.67 28.88
C GLY B 384 -3.78 -4.17 28.22
N GLY B 385 -4.77 -4.49 29.05
CA GLY B 385 -6.05 -4.93 28.55
C GLY B 385 -6.76 -3.81 27.84
N ARG B 386 -6.23 -2.60 27.94
CA ARG B 386 -6.95 -1.43 27.48
C ARG B 386 -6.50 -1.02 26.09
N LEU B 387 -5.33 -1.50 25.68
CA LEU B 387 -4.73 -1.19 24.39
C LEU B 387 -5.24 -2.03 23.24
N SER B 388 -6.26 -1.54 22.54
CA SER B 388 -6.74 -2.21 21.32
C SER B 388 -5.70 -2.21 20.23
N GLN B 389 -4.85 -1.18 20.19
CA GLN B 389 -3.84 -1.04 19.16
C GLN B 389 -2.51 -0.73 19.79
N LEU B 390 -1.47 -1.42 19.35
CA LEU B 390 -0.13 -1.18 19.87
C LEU B 390 0.87 -1.52 18.77
N SER B 391 1.35 -0.49 18.09
CA SER B 391 2.20 -0.72 16.94
C SER B 391 3.56 -0.14 17.26
N ILE B 392 4.57 -1.01 17.27
CA ILE B 392 5.92 -0.61 17.60
C ILE B 392 6.83 -1.19 16.57
N MET B 393 7.69 -0.38 15.98
CA MET B 393 8.67 -0.91 15.05
C MET B 393 9.79 -1.58 15.86
N GLU B 394 10.38 -2.61 15.29
CA GLU B 394 11.25 -3.51 16.04
C GLU B 394 12.41 -2.78 16.71
N GLU B 395 13.03 -1.88 15.97
CA GLU B 395 14.26 -1.22 16.39
C GLU B 395 14.09 -0.35 17.63
N VAL B 396 12.85 -0.10 18.01
CA VAL B 396 12.53 0.70 19.20
C VAL B 396 12.95 0.06 20.53
N LEU B 397 12.86 -1.26 20.61
CA LEU B 397 13.15 -1.94 21.85
C LEU B 397 14.65 -2.10 22.14
N ILE B 398 15.01 -1.79 23.38
CA ILE B 398 16.33 -2.11 23.88
C ILE B 398 16.27 -3.20 24.97
N PRO B 399 17.05 -4.29 24.78
CA PRO B 399 17.12 -5.38 25.74
C PRO B 399 17.96 -4.98 26.94
N ASP B 400 17.77 -5.68 28.06
CA ASP B 400 18.50 -5.41 29.28
C ASP B 400 18.90 -6.70 29.98
N GLN B 401 19.17 -6.62 31.28
CA GLN B 401 19.57 -7.80 32.03
C GLN B 401 18.42 -8.77 32.15
N LYS B 402 17.21 -8.28 31.87
CA LYS B 402 15.99 -9.02 32.16
C LYS B 402 15.25 -9.60 30.95
N TYR B 403 15.19 -8.85 29.85
CA TYR B 403 14.43 -9.27 28.67
C TYR B 403 15.26 -9.17 27.39
N SER B 404 15.19 -10.18 26.54
CA SER B 404 15.81 -10.13 25.23
C SER B 404 14.74 -9.90 24.18
N LEU B 405 15.12 -9.43 23.00
CA LEU B 405 14.13 -9.17 21.95
C LEU B 405 13.22 -10.38 21.77
N GLU B 406 13.79 -11.56 21.89
CA GLU B 406 13.02 -12.80 21.68
C GLU B 406 12.03 -13.10 22.82
N GLN B 407 12.22 -12.48 23.96
CA GLN B 407 11.35 -12.73 25.09
C GLN B 407 10.12 -11.82 25.15
N ILE B 408 10.22 -10.60 24.61
CA ILE B 408 9.15 -9.62 24.87
C ILE B 408 7.83 -9.92 24.17
N HIS B 409 7.87 -10.41 22.94
CA HIS B 409 6.61 -10.69 22.29
C HIS B 409 5.76 -11.65 23.14
N TRP B 410 6.42 -12.58 23.85
CA TRP B 410 5.66 -13.44 24.75
C TRP B 410 5.08 -12.66 25.93
N GLU B 411 5.87 -11.82 26.60
CA GLU B 411 5.34 -11.05 27.74
C GLU B 411 4.28 -10.04 27.32
N VAL B 412 4.57 -9.27 26.27
CA VAL B 412 3.60 -8.31 25.78
C VAL B 412 2.30 -9.03 25.38
N SER B 413 2.40 -10.16 24.70
CA SER B 413 1.18 -10.87 24.31
C SER B 413 0.32 -11.26 25.51
N LYS B 414 0.94 -11.75 26.57
CA LYS B 414 0.18 -12.09 27.77
C LYS B 414 -0.61 -10.89 28.35
N HIS B 415 0.01 -9.71 28.42
CA HIS B 415 -0.70 -8.58 29.00
C HIS B 415 -1.70 -7.97 28.03
N LEU B 416 -1.46 -8.16 26.74
CA LEU B 416 -2.41 -7.68 25.74
C LEU B 416 -3.61 -8.58 25.69
N GLY B 417 -3.36 -9.88 25.69
CA GLY B 417 -4.42 -10.84 25.55
C GLY B 417 -4.60 -11.22 24.10
N ARG B 418 -3.55 -10.97 23.31
CA ARG B 418 -3.50 -11.44 21.93
C ARG B 418 -2.08 -11.65 21.41
N VAL B 419 -1.93 -12.50 20.42
CA VAL B 419 -0.60 -12.70 19.88
C VAL B 419 -0.17 -11.36 19.36
N TRP B 420 1.05 -10.97 19.68
CA TRP B 420 1.54 -9.67 19.31
C TRP B 420 3.04 -9.69 19.00
N PHE B 421 3.46 -8.93 18.00
CA PHE B 421 4.89 -8.78 17.70
C PHE B 421 5.24 -7.34 17.36
N PRO B 422 6.50 -6.95 17.59
CA PRO B 422 6.96 -5.69 16.99
C PRO B 422 6.91 -5.77 15.46
N ASP B 423 6.64 -4.66 14.79
CA ASP B 423 6.58 -4.65 13.33
C ASP B 423 7.96 -4.84 12.75
N MET B 424 8.04 -5.40 11.57
CA MET B 424 9.34 -5.53 10.93
C MET B 424 9.38 -4.80 9.60
N MET B 425 10.58 -4.51 9.12
CA MET B 425 10.74 -3.99 7.77
C MET B 425 11.56 -4.99 6.99
N PRO B 426 11.24 -5.16 5.71
CA PRO B 426 12.06 -6.05 4.89
C PRO B 426 13.49 -5.54 4.83
N THR B 427 14.44 -6.45 4.80
CA THR B 427 15.82 -6.09 4.61
C THR B 427 16.22 -6.24 3.16
N TRP B 428 15.32 -5.84 2.25
CA TRP B 428 15.66 -5.67 0.83
C TRP B 428 15.03 -4.39 0.28
N SER C 3 -52.23 -13.55 19.17
CA SER C 3 -52.70 -14.84 18.69
C SER C 3 -53.99 -14.71 17.88
N ILE C 4 -53.89 -14.88 16.56
CA ILE C 4 -55.05 -14.80 15.68
C ILE C 4 -55.03 -15.96 14.67
N LYS C 5 -55.51 -15.72 13.45
CA LYS C 5 -55.57 -16.76 12.42
C LYS C 5 -55.93 -16.23 11.02
N LEU C 6 -55.42 -16.89 9.99
CA LEU C 6 -55.64 -16.48 8.60
C LEU C 6 -55.93 -17.64 7.66
N GLN C 7 -55.80 -17.39 6.35
CA GLN C 7 -56.13 -18.39 5.34
C GLN C 7 -55.76 -17.90 3.94
N SER C 8 -55.16 -18.79 3.14
CA SER C 8 -54.62 -18.41 1.84
C SER C 8 -55.61 -18.57 0.68
N SER C 9 -55.22 -18.05 -0.49
CA SER C 9 -56.05 -18.14 -1.69
C SER C 9 -56.21 -19.59 -2.11
N ASP C 10 -55.07 -20.26 -2.28
CA ASP C 10 -55.05 -21.67 -2.59
C ASP C 10 -55.15 -22.50 -1.32
N GLY C 11 -56.38 -22.82 -0.92
CA GLY C 11 -56.61 -23.65 0.26
C GLY C 11 -57.29 -22.92 1.41
N GLU C 12 -57.02 -23.37 2.63
CA GLU C 12 -57.64 -22.80 3.82
C GLU C 12 -56.96 -23.30 5.09
N ILE C 13 -55.69 -22.96 5.27
CA ILE C 13 -54.88 -23.73 6.22
C ILE C 13 -54.34 -23.07 7.50
N PHE C 14 -53.83 -21.84 7.42
CA PHE C 14 -52.93 -21.40 8.50
C PHE C 14 -53.46 -20.45 9.59
N GLU C 15 -52.76 -20.47 10.73
CA GLU C 15 -53.04 -19.62 11.88
C GLU C 15 -51.74 -19.09 12.49
N VAL C 16 -51.84 -17.97 13.23
CA VAL C 16 -50.65 -17.25 13.67
C VAL C 16 -50.94 -16.17 14.70
N ASP C 17 -49.95 -15.85 15.55
CA ASP C 17 -50.09 -14.78 16.53
C ASP C 17 -49.97 -13.41 15.90
N VAL C 18 -50.09 -12.38 16.73
CA VAL C 18 -49.88 -11.01 16.29
C VAL C 18 -49.15 -10.26 17.40
N GLU C 19 -49.07 -10.90 18.56
CA GLU C 19 -48.37 -10.36 19.72
C GLU C 19 -46.86 -10.58 19.59
N ILE C 20 -46.48 -11.82 19.26
CA ILE C 20 -45.09 -12.15 18.96
C ILE C 20 -44.78 -11.70 17.53
N ALA C 21 -45.66 -12.04 16.59
CA ALA C 21 -45.54 -11.56 15.21
C ALA C 21 -45.75 -10.05 15.18
N LYS C 22 -44.80 -9.32 15.75
CA LYS C 22 -44.91 -7.88 15.94
C LYS C 22 -44.72 -7.11 14.63
N GLN C 23 -44.36 -7.82 13.56
CA GLN C 23 -44.09 -7.19 12.27
C GLN C 23 -45.04 -7.62 11.16
N SER C 24 -46.23 -8.06 11.54
CA SER C 24 -47.30 -8.27 10.56
C SER C 24 -47.81 -6.90 10.11
N VAL C 25 -47.19 -6.35 9.05
CA VAL C 25 -47.44 -4.96 8.63
C VAL C 25 -48.55 -4.80 7.58
N THR C 26 -48.20 -4.89 6.31
CA THR C 26 -49.20 -4.69 5.25
C THR C 26 -50.33 -5.70 5.36
N ILE C 27 -50.77 -5.94 6.60
CA ILE C 27 -51.81 -6.89 6.92
C ILE C 27 -52.54 -6.31 8.12
N LYS C 28 -51.76 -5.68 9.01
CA LYS C 28 -52.27 -4.94 10.15
C LYS C 28 -53.23 -3.86 9.64
N THR C 29 -54.28 -4.30 8.95
CA THR C 29 -55.13 -3.38 8.21
C THR C 29 -56.54 -3.94 7.96
N MET C 30 -56.75 -5.22 8.24
CA MET C 30 -58.08 -5.84 8.10
C MET C 30 -58.93 -5.74 9.38
N LEU C 31 -58.46 -6.37 10.46
CA LEU C 31 -59.16 -6.28 11.75
C LEU C 31 -58.69 -5.08 12.57
N GLU C 32 -57.77 -4.30 11.99
CA GLU C 32 -57.49 -2.96 12.51
C GLU C 32 -58.69 -2.08 12.21
N ASP C 33 -59.68 -2.68 11.57
CA ASP C 33 -60.99 -2.05 11.32
C ASP C 33 -62.12 -3.06 11.55
N PRO C 44 -59.82 -12.73 11.25
CA PRO C 44 -59.93 -13.81 10.26
C PRO C 44 -61.18 -13.66 9.38
N VAL C 45 -61.17 -14.26 8.19
CA VAL C 45 -60.01 -14.99 7.67
C VAL C 45 -59.71 -14.50 6.24
N PRO C 46 -58.67 -13.66 6.07
CA PRO C 46 -58.71 -12.78 4.91
C PRO C 46 -57.57 -12.76 3.87
N LEU C 47 -56.86 -13.86 3.60
CA LEU C 47 -55.66 -13.75 2.74
C LEU C 47 -55.72 -14.46 1.36
N PRO C 48 -55.29 -13.76 0.29
CA PRO C 48 -55.29 -14.26 -1.09
C PRO C 48 -53.95 -14.88 -1.56
N ASN C 49 -53.54 -14.52 -2.78
CA ASN C 49 -52.42 -15.19 -3.48
C ASN C 49 -51.09 -15.30 -2.73
N VAL C 50 -51.00 -16.26 -1.81
CA VAL C 50 -49.73 -16.60 -1.15
C VAL C 50 -49.74 -18.07 -0.63
N ASN C 51 -48.75 -18.43 0.20
CA ASN C 51 -48.67 -19.79 0.75
C ASN C 51 -48.05 -19.89 2.17
N ALA C 52 -47.37 -21.00 2.43
CA ALA C 52 -46.99 -21.38 3.79
C ALA C 52 -45.50 -21.27 4.09
N ALA C 53 -44.66 -21.53 3.09
CA ALA C 53 -43.21 -21.45 3.28
C ALA C 53 -42.81 -20.00 3.52
N ILE C 54 -43.72 -19.26 4.13
CA ILE C 54 -43.61 -17.81 4.26
C ILE C 54 -43.74 -17.43 5.72
N LEU C 55 -44.06 -18.44 6.53
CA LEU C 55 -44.47 -18.21 7.90
C LEU C 55 -43.31 -18.31 8.90
N LYS C 56 -42.65 -19.47 8.96
CA LYS C 56 -41.50 -19.64 9.88
C LYS C 56 -40.49 -18.58 9.51
N LYS C 57 -40.34 -18.38 8.22
CA LYS C 57 -39.40 -17.44 7.67
C LYS C 57 -39.54 -16.14 8.42
N VAL C 58 -40.65 -15.46 8.21
CA VAL C 58 -40.89 -14.20 8.91
C VAL C 58 -40.87 -14.42 10.43
N ILE C 59 -41.11 -15.67 10.85
CA ILE C 59 -41.13 -16.01 12.27
C ILE C 59 -39.74 -16.16 12.91
N GLN C 60 -38.84 -16.88 12.26
CA GLN C 60 -37.48 -16.99 12.78
C GLN C 60 -36.99 -15.58 13.04
N TRP C 61 -37.13 -14.74 12.02
CA TRP C 61 -36.80 -13.34 12.12
C TRP C 61 -37.75 -12.64 13.06
N CYS C 62 -37.94 -11.35 12.81
CA CYS C 62 -38.91 -10.54 13.54
C CYS C 62 -38.83 -10.83 15.04
N THR C 63 -37.62 -10.73 15.57
CA THR C 63 -37.37 -10.68 17.00
C THR C 63 -35.97 -10.14 17.19
N HIS C 64 -35.67 -9.02 16.53
CA HIS C 64 -34.30 -8.48 16.52
C HIS C 64 -34.21 -7.12 15.83
N ILE C 85 -24.95 -10.64 5.79
CA ILE C 85 -26.11 -11.36 5.27
C ILE C 85 -26.41 -12.62 6.08
N PRO C 86 -27.27 -12.49 7.11
CA PRO C 86 -27.54 -13.50 8.15
C PRO C 86 -28.06 -14.78 7.54
N VAL C 87 -27.52 -15.91 7.99
CA VAL C 87 -27.92 -17.21 7.43
C VAL C 87 -27.56 -18.34 8.39
N TRP C 88 -28.45 -19.31 8.60
CA TRP C 88 -29.82 -19.36 8.06
C TRP C 88 -30.00 -19.07 6.57
N ASP C 89 -31.03 -18.29 6.25
CA ASP C 89 -31.32 -17.77 4.89
C ASP C 89 -30.62 -18.45 3.71
N GLN C 90 -29.31 -18.28 3.58
CA GLN C 90 -28.56 -19.01 2.57
C GLN C 90 -29.02 -20.46 2.66
N GLU C 91 -29.35 -20.86 3.88
CA GLU C 91 -29.95 -22.16 4.16
C GLU C 91 -31.44 -22.11 3.80
N PHE C 92 -32.12 -21.10 4.34
CA PHE C 92 -33.55 -20.94 4.12
C PHE C 92 -33.93 -20.54 2.70
N LEU C 93 -33.01 -19.87 2.00
CA LEU C 93 -33.31 -19.47 0.62
C LEU C 93 -32.84 -20.49 -0.40
N LYS C 94 -31.99 -21.44 0.01
CA LYS C 94 -31.51 -22.43 -0.91
C LYS C 94 -32.69 -23.24 -1.46
N VAL C 95 -33.49 -22.59 -2.31
CA VAL C 95 -34.66 -23.21 -2.90
C VAL C 95 -34.54 -23.15 -4.40
N ASP C 96 -35.62 -23.45 -5.12
CA ASP C 96 -35.60 -23.37 -6.59
C ASP C 96 -36.08 -22.03 -7.14
N GLN C 97 -35.44 -21.60 -8.24
CA GLN C 97 -35.71 -20.31 -8.86
C GLN C 97 -37.20 -19.96 -8.82
N GLY C 98 -38.04 -20.92 -9.19
CA GLY C 98 -39.47 -20.69 -9.20
C GLY C 98 -40.01 -20.27 -7.84
N THR C 99 -39.49 -20.90 -6.79
CA THR C 99 -39.92 -20.58 -5.44
C THR C 99 -39.41 -19.22 -4.99
N LEU C 100 -38.14 -18.95 -5.29
CA LEU C 100 -37.52 -17.67 -4.97
C LEU C 100 -38.28 -16.53 -5.66
N PHE C 101 -38.68 -16.82 -6.90
CA PHE C 101 -39.51 -15.95 -7.72
C PHE C 101 -40.78 -15.49 -6.99
N GLU C 102 -41.50 -16.44 -6.39
CA GLU C 102 -42.72 -16.10 -5.68
C GLU C 102 -42.45 -15.57 -4.26
N LEU C 103 -41.46 -16.14 -3.56
CA LEU C 103 -41.05 -15.60 -2.27
C LEU C 103 -40.98 -14.08 -2.33
N ILE C 104 -40.40 -13.57 -3.41
CA ILE C 104 -40.29 -12.13 -3.63
C ILE C 104 -41.63 -11.50 -3.98
N LEU C 105 -42.36 -12.15 -4.88
CA LEU C 105 -43.69 -11.68 -5.25
C LEU C 105 -44.62 -11.68 -4.05
N ALA C 106 -44.41 -12.61 -3.11
CA ALA C 106 -45.15 -12.60 -1.86
C ALA C 106 -44.50 -11.60 -0.91
N ALA C 107 -43.19 -11.45 -1.03
CA ALA C 107 -42.40 -10.62 -0.14
C ALA C 107 -43.03 -9.25 0.03
N ASN C 108 -43.37 -8.61 -1.08
CA ASN C 108 -44.01 -7.30 -1.05
C ASN C 108 -45.35 -7.35 -0.32
N TYR C 109 -46.33 -8.02 -0.92
CA TYR C 109 -47.65 -8.15 -0.32
C TYR C 109 -47.65 -7.65 1.12
N LEU C 110 -46.81 -8.26 1.95
CA LEU C 110 -46.68 -7.86 3.35
C LEU C 110 -45.29 -7.31 3.63
N ASP C 111 -45.14 -6.00 3.45
CA ASP C 111 -43.86 -5.34 3.67
C ASP C 111 -42.92 -6.16 4.56
N ILE C 112 -41.66 -6.20 4.17
CA ILE C 112 -40.63 -6.90 4.95
C ILE C 112 -39.25 -6.32 4.67
N LYS C 113 -38.93 -5.20 5.31
CA LYS C 113 -37.63 -4.55 5.12
C LYS C 113 -36.48 -5.52 5.36
N GLY C 114 -36.82 -6.74 5.77
CA GLY C 114 -35.84 -7.78 5.98
C GLY C 114 -36.01 -8.91 5.00
N LEU C 115 -37.23 -9.40 4.84
CA LEU C 115 -37.48 -10.61 4.04
C LEU C 115 -37.75 -10.34 2.54
N LEU C 116 -37.98 -9.08 2.16
CA LEU C 116 -37.99 -8.72 0.76
C LEU C 116 -36.62 -8.16 0.43
N ASP C 117 -36.11 -7.32 1.33
CA ASP C 117 -34.76 -6.84 1.23
C ASP C 117 -33.80 -8.00 1.03
N VAL C 118 -34.02 -9.08 1.76
CA VAL C 118 -33.12 -10.23 1.74
C VAL C 118 -33.30 -11.10 0.52
N THR C 119 -34.54 -11.34 0.08
CA THR C 119 -34.74 -12.07 -1.17
C THR C 119 -34.11 -11.30 -2.33
N CYS C 120 -34.09 -9.96 -2.20
CA CYS C 120 -33.44 -9.10 -3.19
C CYS C 120 -31.93 -9.19 -3.05
N LYS C 121 -31.43 -8.93 -1.84
CA LYS C 121 -30.00 -8.99 -1.57
C LYS C 121 -29.44 -10.21 -2.28
N THR C 122 -30.28 -11.24 -2.39
CA THR C 122 -29.93 -12.49 -3.07
C THR C 122 -29.84 -12.27 -4.56
N VAL C 123 -30.99 -12.18 -5.22
CA VAL C 123 -31.04 -11.95 -6.67
C VAL C 123 -29.87 -11.08 -7.13
N ALA C 124 -29.52 -10.09 -6.31
CA ALA C 124 -28.36 -9.24 -6.60
C ALA C 124 -27.08 -10.05 -6.75
N ASN C 125 -26.73 -10.79 -5.69
CA ASN C 125 -25.56 -11.64 -5.74
C ASN C 125 -25.52 -12.48 -7.01
N MET C 126 -26.68 -12.88 -7.50
CA MET C 126 -26.74 -13.67 -8.72
C MET C 126 -26.33 -12.85 -9.92
N ILE C 127 -26.66 -11.57 -9.88
CA ILE C 127 -26.41 -10.69 -11.01
C ILE C 127 -24.98 -10.19 -11.05
N LYS C 128 -24.43 -9.83 -9.89
CA LYS C 128 -23.15 -9.14 -9.91
C LYS C 128 -22.04 -9.93 -10.63
N GLY C 129 -21.59 -9.38 -11.76
CA GLY C 129 -20.56 -10.01 -12.57
C GLY C 129 -21.03 -10.36 -13.97
N LYS C 130 -22.31 -10.64 -14.15
CA LYS C 130 -22.80 -11.19 -15.41
C LYS C 130 -22.77 -10.20 -16.56
N THR C 131 -22.91 -10.72 -17.78
CA THR C 131 -23.14 -9.88 -18.94
C THR C 131 -24.65 -9.82 -19.13
N PRO C 132 -25.14 -8.86 -19.91
CA PRO C 132 -26.59 -8.84 -20.12
C PRO C 132 -27.07 -10.19 -20.63
N GLU C 133 -26.22 -10.86 -21.40
CA GLU C 133 -26.59 -12.12 -22.03
C GLU C 133 -26.64 -13.26 -21.01
N GLU C 134 -25.74 -13.23 -20.03
CA GLU C 134 -25.70 -14.25 -19.00
C GLU C 134 -26.84 -14.09 -17.99
N ILE C 135 -27.27 -12.84 -17.78
CA ILE C 135 -28.37 -12.57 -16.86
C ILE C 135 -29.67 -13.04 -17.50
N ARG C 136 -29.71 -13.01 -18.82
CA ARG C 136 -30.89 -13.45 -19.53
C ARG C 136 -31.04 -14.96 -19.46
N LYS C 137 -29.91 -15.68 -19.54
CA LYS C 137 -29.95 -17.13 -19.45
C LYS C 137 -30.40 -17.59 -18.06
N THR C 138 -29.74 -17.07 -17.04
CA THR C 138 -30.00 -17.52 -15.69
C THR C 138 -31.17 -16.79 -15.05
N PHE C 139 -32.22 -16.53 -15.84
CA PHE C 139 -33.46 -15.94 -15.34
C PHE C 139 -34.57 -16.15 -16.34
N ASN C 140 -34.22 -16.74 -17.47
CA ASN C 140 -35.18 -17.09 -18.52
C ASN C 140 -35.74 -15.90 -19.29
N ILE C 141 -35.16 -14.72 -19.06
CA ILE C 141 -35.61 -13.49 -19.71
C ILE C 141 -35.37 -13.48 -21.23
N LYS C 142 -36.46 -13.46 -21.98
CA LYS C 142 -36.40 -13.29 -23.43
C LYS C 142 -36.04 -11.84 -23.70
N ASN C 143 -35.34 -11.59 -24.81
CA ASN C 143 -34.86 -10.24 -25.10
C ASN C 143 -35.75 -9.45 -26.07
N ASP C 144 -36.51 -8.49 -25.54
CA ASP C 144 -37.46 -7.72 -26.34
C ASP C 144 -36.95 -6.33 -26.70
N PHE C 145 -35.68 -6.25 -27.09
CA PHE C 145 -35.04 -5.01 -27.52
C PHE C 145 -34.77 -5.05 -29.01
N THR C 146 -35.44 -4.20 -29.78
CA THR C 146 -35.33 -4.29 -31.24
C THR C 146 -33.90 -4.62 -31.67
N GLU C 147 -33.07 -3.59 -31.73
CA GLU C 147 -31.67 -3.76 -32.07
C GLU C 147 -31.03 -2.39 -31.98
N GLU C 148 -31.77 -1.39 -32.45
CA GLU C 148 -31.42 -0.02 -32.19
C GLU C 148 -31.55 0.16 -30.68
N GLU C 149 -32.72 -0.20 -30.19
CA GLU C 149 -33.00 -0.15 -28.76
C GLU C 149 -31.84 -0.75 -27.98
N GLU C 150 -31.35 -1.92 -28.42
CA GLU C 150 -30.27 -2.62 -27.69
C GLU C 150 -28.87 -2.06 -27.89
N ALA C 151 -28.58 -1.58 -29.10
CA ALA C 151 -27.25 -1.05 -29.39
C ALA C 151 -27.09 0.31 -28.73
N GLN C 152 -28.17 1.08 -28.75
CA GLN C 152 -28.21 2.37 -28.07
C GLN C 152 -27.94 2.19 -26.59
N VAL C 153 -28.36 1.06 -26.04
CA VAL C 153 -28.20 0.78 -24.62
C VAL C 153 -26.77 0.37 -24.27
N ARG C 154 -26.18 -0.51 -25.07
CA ARG C 154 -24.81 -0.94 -24.81
C ARG C 154 -23.84 0.24 -24.97
N LYS C 155 -24.20 1.21 -25.82
CA LYS C 155 -23.40 2.42 -26.02
C LYS C 155 -23.37 3.29 -24.77
N GLU C 156 -24.55 3.63 -24.28
CA GLU C 156 -24.66 4.39 -23.04
C GLU C 156 -24.00 3.62 -21.89
N ASN C 157 -24.11 2.30 -21.93
CA ASN C 157 -23.58 1.49 -20.83
C ASN C 157 -22.06 1.48 -20.72
N GLN C 158 -21.37 1.66 -21.84
CA GLN C 158 -19.92 1.65 -21.79
C GLN C 158 -19.42 2.94 -21.13
N TRP C 159 -20.31 3.94 -21.05
CA TRP C 159 -20.00 5.17 -20.31
C TRP C 159 -19.82 4.90 -18.83
N CYS C 160 -20.25 3.73 -18.37
CA CYS C 160 -20.15 3.40 -16.96
C CYS C 160 -18.89 2.61 -16.64
N GLU C 161 -17.96 2.61 -17.59
CA GLU C 161 -16.59 2.17 -17.34
C GLU C 161 -15.78 3.45 -17.39
N GLU C 162 -14.77 3.56 -16.55
CA GLU C 162 -14.04 4.82 -16.46
C GLU C 162 -12.99 4.95 -17.57
#